data_9FJT
#
_entry.id   9FJT
#
_cell.length_a   130.920
_cell.length_b   222.033
_cell.length_c   85.879
_cell.angle_alpha   90.000
_cell.angle_beta   90.000
_cell.angle_gamma   90.000
#
_symmetry.space_group_name_H-M   'C 2 2 2'
#
loop_
_entity.id
_entity.type
_entity.pdbx_description
1 polymer 'Amine oxidase [flavin-containing] B'
2 non-polymer 'FLAVIN-ADENINE DINUCLEOTIDE'
3 non-polymer N-DODECYL-N,N-DIMETHYL-3-AMMONIO-1-PROPANESULFONATE
4 non-polymer ~{N}-[[4-[[7-(1,3-benzoxazol-2-ylsulfanyl)-[1,2,3]triazolo[4,5-d]pyrimidin-3-yl]methyl]phenyl]methyl]-~{N}-methyl-prop-2-yn-1-amine
5 water water
#
_entity_poly.entity_id   1
_entity_poly.type   'polypeptide(L)'
_entity_poly.pdbx_seq_one_letter_code
;MSNKCDVVVVGGGISGMAAAKLLHDSGLNVVVLEARDRVGGRTYTLRNQKVKYVDLGGSYVGPTQNRILRLAKELGLETY
KVNEVERLIHHVKGKSYPFRGPFPPVWNPITYLDHNNFWRTMDDMGREIPSDAPWKAPLAEEWDNMTMKELLDKLCWTES
AKQLATLFVNLCVTAETHEVSALWFLWYVKQCGGTTRIISTTNGGQERKFVGGSGQVSERIMDLLGDRVKLERPVIYIDQ
TRENVLVETLNHEMYEAKYVISAIPPTLGMKIHFNPPLPMMRNQMITRVPLGSVIKCIVYYKEPFWRKKDYCGTMIIDGE
EAPVAYTLDDTKPEGNYAAIMGFILAHKARKLARLTKEERLKKLCELYAKVLGSLEALEPVHYEEKNWCEEQYSGGCYTT
YFPPGILTQYGRVLRQPVDRIYFAGTETATHWSGYMEGAVEAGERAAREILHAMGKIPEDEIWQSEPESVDVPAQPITTT
FLERHLPSVPGLLRLIGLTTIFSATALGFLAHKRGLLVRV
;
_entity_poly.pdbx_strand_id   AAA,BBB
#
loop_
_chem_comp.id
_chem_comp.type
_chem_comp.name
_chem_comp.formula
A1IDI non-polymer ~{N}-[[4-[[7-(1,3-benzoxazol-2-ylsulfanyl)-[1,2,3]triazolo[4,5-d]pyrimidin-3-yl]methyl]phenyl]methyl]-~{N}-methyl-prop-2-yn-1-amine 'C23 H19 N7 O S'
C15 non-polymer N-DODECYL-N,N-DIMETHYL-3-AMMONIO-1-PROPANESULFONATE 'C17 H38 N O3 S 1'
FAD non-polymer 'FLAVIN-ADENINE DINUCLEOTIDE' 'C27 H33 N9 O15 P2'
#
# COMPACT_ATOMS: atom_id res chain seq x y z
N SER A 2 24.79 -20.62 17.01
CA SER A 2 23.76 -19.57 17.25
C SER A 2 23.95 -18.93 18.63
N ASN A 3 23.64 -17.65 18.74
CA ASN A 3 23.57 -16.90 20.03
C ASN A 3 22.21 -17.19 20.64
N LYS A 4 22.14 -17.80 21.81
CA LYS A 4 20.87 -18.30 22.38
C LYS A 4 20.35 -17.30 23.38
N CYS A 5 19.04 -17.09 23.42
CA CYS A 5 18.39 -16.21 24.40
C CYS A 5 16.95 -16.62 24.59
N ASP A 6 16.22 -15.93 25.46
CA ASP A 6 14.79 -16.18 25.62
C ASP A 6 14.00 -15.48 24.52
N VAL A 7 14.30 -14.19 24.27
CA VAL A 7 13.49 -13.37 23.31
C VAL A 7 14.43 -12.52 22.49
N VAL A 8 14.26 -12.65 21.19
CA VAL A 8 14.84 -11.70 20.20
C VAL A 8 13.82 -10.60 19.93
N VAL A 9 14.25 -9.35 20.13
CA VAL A 9 13.46 -8.16 19.74
C VAL A 9 14.05 -7.66 18.44
N VAL A 10 13.24 -7.62 17.39
CA VAL A 10 13.65 -7.06 16.09
C VAL A 10 13.29 -5.57 16.06
N GLY A 11 14.30 -4.74 16.10
CA GLY A 11 14.05 -3.28 16.12
C GLY A 11 14.38 -2.66 17.45
N GLY A 12 15.28 -1.68 17.49
CA GLY A 12 15.62 -0.89 18.66
C GLY A 12 15.14 0.53 18.61
N GLY A 13 13.91 0.71 18.13
CA GLY A 13 13.18 1.95 18.38
C GLY A 13 12.62 1.98 19.79
N ILE A 14 11.87 2.99 20.16
CA ILE A 14 11.29 3.04 21.51
C ILE A 14 10.50 1.78 21.82
N SER A 15 9.75 1.26 20.86
CA SER A 15 8.88 0.12 21.13
C SER A 15 9.74 -1.08 21.46
N GLY A 16 10.70 -1.44 20.64
CA GLY A 16 11.54 -2.62 20.91
C GLY A 16 12.32 -2.43 22.19
N MET A 17 12.86 -1.26 22.38
CA MET A 17 13.67 -0.99 23.59
C MET A 17 12.75 -1.08 24.80
N ALA A 18 11.52 -0.58 24.79
CA ALA A 18 10.59 -0.69 25.94
C ALA A 18 10.28 -2.16 26.18
N ALA A 19 10.08 -2.96 25.12
CA ALA A 19 9.77 -4.40 25.26
C ALA A 19 10.99 -5.07 25.90
N ALA A 20 12.16 -4.81 25.37
CA ALA A 20 13.39 -5.49 25.83
C ALA A 20 13.59 -5.12 27.30
N LYS A 21 13.38 -3.87 27.68
CA LYS A 21 13.64 -3.46 29.07
C LYS A 21 12.71 -4.24 29.97
N LEU A 22 11.43 -4.32 29.64
CA LEU A 22 10.43 -5.00 30.50
C LEU A 22 10.83 -6.47 30.63
N LEU A 23 11.21 -7.10 29.54
CA LEU A 23 11.59 -8.54 29.58
C LEU A 23 12.89 -8.66 30.40
N HIS A 24 13.90 -7.81 30.20
CA HIS A 24 15.16 -7.82 30.99
C HIS A 24 14.81 -7.65 32.46
N ASP A 25 13.95 -6.73 32.81
CA ASP A 25 13.62 -6.44 34.23
C ASP A 25 12.93 -7.66 34.84
N SER A 26 12.22 -8.44 34.05
CA SER A 26 11.44 -9.63 34.50
CA SER A 26 11.45 -9.63 34.50
C SER A 26 12.40 -10.83 34.64
N GLY A 27 13.67 -10.68 34.29
CA GLY A 27 14.68 -11.74 34.44
C GLY A 27 14.93 -12.58 33.21
N LEU A 28 14.41 -12.21 32.04
CA LEU A 28 14.68 -12.96 30.79
C LEU A 28 15.92 -12.45 30.11
N ASN A 29 16.51 -13.32 29.32
CA ASN A 29 17.67 -13.03 28.46
CA ASN A 29 17.68 -13.09 28.45
C ASN A 29 17.15 -12.51 27.13
N VAL A 30 17.36 -11.23 26.90
CA VAL A 30 16.86 -10.62 25.66
C VAL A 30 18.04 -10.20 24.80
N VAL A 31 17.80 -10.17 23.50
CA VAL A 31 18.72 -9.52 22.55
C VAL A 31 17.88 -8.63 21.67
N VAL A 32 18.42 -7.46 21.38
CA VAL A 32 17.79 -6.49 20.43
C VAL A 32 18.63 -6.49 19.17
N LEU A 33 17.99 -6.79 18.05
CA LEU A 33 18.68 -6.74 16.75
C LEU A 33 18.23 -5.50 16.02
N GLU A 34 19.13 -4.56 15.84
CA GLU A 34 18.81 -3.23 15.27
C GLU A 34 19.54 -3.11 13.96
N ALA A 35 18.82 -2.77 12.91
CA ALA A 35 19.41 -2.64 11.57
C ALA A 35 20.43 -1.51 11.47
N ARG A 36 20.15 -0.39 12.08
CA ARG A 36 21.01 0.81 11.95
C ARG A 36 22.23 0.78 12.90
N ASP A 37 23.13 1.73 12.71
CA ASP A 37 24.28 1.93 13.63
C ASP A 37 23.88 2.76 14.84
N ARG A 38 22.59 2.87 15.16
CA ARG A 38 22.05 3.64 16.29
C ARG A 38 20.72 3.03 16.72
N VAL A 39 20.34 3.26 17.96
CA VAL A 39 18.95 3.00 18.41
C VAL A 39 18.10 4.26 18.22
N GLY A 40 16.80 4.10 18.37
CA GLY A 40 15.85 5.24 18.35
C GLY A 40 14.91 5.25 17.17
N GLY A 41 15.29 4.70 16.03
CA GLY A 41 14.45 4.57 14.86
C GLY A 41 13.86 5.88 14.35
N ARG A 42 12.54 6.03 14.47
CA ARG A 42 11.86 7.26 14.03
C ARG A 42 12.06 8.41 15.04
N THR A 43 12.77 8.16 16.11
CA THR A 43 13.36 9.25 16.92
C THR A 43 14.84 9.31 16.61
N TYR A 44 15.37 10.53 16.55
CA TYR A 44 16.79 10.77 16.23
C TYR A 44 17.10 12.17 16.74
N THR A 45 17.96 12.24 17.73
CA THR A 45 18.45 13.50 18.32
C THR A 45 19.82 13.77 17.77
N LEU A 46 19.95 14.77 16.91
CA LEU A 46 21.25 15.18 16.37
C LEU A 46 21.96 16.10 17.38
N ARG A 47 23.25 15.88 17.62
CA ARG A 47 24.04 16.77 18.51
C ARG A 47 25.17 17.38 17.70
N ASN A 48 25.25 18.71 17.78
CA ASN A 48 26.41 19.46 17.24
C ASN A 48 26.46 20.80 17.96
N GLN A 49 27.54 21.53 17.73
CA GLN A 49 27.80 22.75 18.50
C GLN A 49 26.85 23.83 18.08
N LYS A 50 26.39 23.83 16.83
CA LYS A 50 25.47 24.88 16.35
C LYS A 50 24.07 24.73 16.94
N VAL A 51 23.60 23.52 17.24
CA VAL A 51 22.20 23.36 17.72
C VAL A 51 22.17 22.90 19.18
N LYS A 52 23.31 22.41 19.67
CA LYS A 52 23.46 21.66 20.93
C LYS A 52 22.79 20.29 20.77
N TYR A 53 21.47 20.24 20.68
CA TYR A 53 20.73 19.00 20.39
C TYR A 53 19.51 19.44 19.58
N VAL A 54 19.05 18.55 18.72
CA VAL A 54 17.75 18.80 18.04
C VAL A 54 17.13 17.47 17.65
N ASP A 55 15.85 17.33 17.97
CA ASP A 55 15.06 16.19 17.50
C ASP A 55 14.77 16.36 16.02
N LEU A 56 15.25 15.44 15.21
CA LEU A 56 14.89 15.41 13.76
C LEU A 56 13.80 14.40 13.47
N GLY A 57 13.44 13.54 14.44
CA GLY A 57 12.24 12.69 14.33
C GLY A 57 11.22 13.04 15.38
N GLY A 58 10.59 12.03 15.98
CA GLY A 58 9.57 12.26 17.01
C GLY A 58 10.16 13.09 18.12
N SER A 59 9.36 14.01 18.66
CA SER A 59 9.86 14.98 19.67
C SER A 59 8.81 15.27 20.72
N TYR A 60 7.56 15.50 20.31
CA TYR A 60 6.56 16.06 21.23
C TYR A 60 5.93 14.99 22.09
N VAL A 61 5.67 15.37 23.33
CA VAL A 61 4.87 14.54 24.25
C VAL A 61 3.88 15.46 24.96
N GLY A 62 2.83 14.88 25.52
CA GLY A 62 1.86 15.75 26.22
C GLY A 62 0.93 14.97 27.12
N PRO A 63 0.02 15.71 27.76
CA PRO A 63 -0.94 15.09 28.66
C PRO A 63 -1.69 13.93 28.01
N THR A 64 -1.90 12.94 28.83
CA THR A 64 -2.53 11.62 28.56
C THR A 64 -1.52 10.64 27.95
N GLN A 65 -0.30 11.02 27.68
CA GLN A 65 0.77 10.11 27.17
C GLN A 65 1.59 9.61 28.36
N ASN A 66 0.92 8.88 29.25
CA ASN A 66 1.54 8.61 30.56
C ASN A 66 2.60 7.53 30.49
N ARG A 67 2.60 6.66 29.47
CA ARG A 67 3.59 5.59 29.40
C ARG A 67 4.95 6.14 28.99
N ILE A 68 5.02 6.95 27.95
CA ILE A 68 6.29 7.57 27.56
C ILE A 68 6.80 8.48 28.68
N LEU A 69 5.90 9.20 29.33
CA LEU A 69 6.35 10.09 30.42
C LEU A 69 6.96 9.28 31.57
N ARG A 70 6.30 8.18 31.91
CA ARG A 70 6.78 7.32 33.01
C ARG A 70 8.11 6.68 32.61
N LEU A 71 8.21 6.13 31.42
CA LEU A 71 9.46 5.51 30.98
C LEU A 71 10.59 6.53 30.97
N ALA A 72 10.39 7.70 30.37
CA ALA A 72 11.40 8.75 30.31
C ALA A 72 11.78 9.20 31.73
N LYS A 73 10.78 9.38 32.59
CA LYS A 73 11.06 9.83 33.99
C LYS A 73 11.96 8.80 34.68
N GLU A 74 11.71 7.53 34.46
CA GLU A 74 12.47 6.45 35.14
C GLU A 74 13.91 6.47 34.63
N LEU A 75 14.11 6.83 33.36
CA LEU A 75 15.43 6.92 32.75
C LEU A 75 16.14 8.22 33.12
N GLY A 76 15.53 9.09 33.90
CA GLY A 76 16.19 10.33 34.35
C GLY A 76 15.98 11.50 33.44
N LEU A 77 14.96 11.45 32.59
CA LEU A 77 14.73 12.53 31.64
C LEU A 77 13.70 13.51 32.22
N GLU A 78 13.74 14.73 31.71
CA GLU A 78 12.81 15.82 32.07
C GLU A 78 12.17 16.37 30.78
N THR A 79 11.01 16.97 30.94
CA THR A 79 10.33 17.68 29.84
C THR A 79 10.37 19.18 30.09
N TYR A 80 10.11 19.90 29.02
CA TYR A 80 9.83 21.35 29.13
C TYR A 80 8.71 21.67 28.17
N LYS A 81 8.05 22.79 28.40
CA LYS A 81 6.88 23.20 27.61
C LYS A 81 7.32 23.95 26.36
N VAL A 82 6.76 23.51 25.22
CA VAL A 82 6.88 24.22 23.93
C VAL A 82 6.31 25.63 24.15
N ASN A 83 6.93 26.63 23.54
CA ASN A 83 6.46 28.02 23.73
C ASN A 83 5.10 28.29 23.10
N GLU A 84 4.10 28.62 23.90
CA GLU A 84 2.76 29.02 23.43
C GLU A 84 2.30 30.26 24.21
N VAL A 85 3.26 31.07 24.65
CA VAL A 85 2.91 32.26 25.50
C VAL A 85 2.21 33.31 24.65
N GLU A 86 2.75 33.61 23.48
CA GLU A 86 2.28 34.69 22.59
C GLU A 86 1.27 34.13 21.59
N ARG A 87 0.90 34.94 20.62
CA ARG A 87 -0.23 34.59 19.74
C ARG A 87 0.18 33.54 18.69
N LEU A 88 -0.77 32.71 18.31
CA LEU A 88 -0.61 31.76 17.17
C LEU A 88 -0.96 32.54 15.92
N ILE A 89 -0.58 32.04 14.75
CA ILE A 89 -0.95 32.67 13.48
C ILE A 89 -1.64 31.67 12.61
N HIS A 90 -2.78 32.06 12.05
CA HIS A 90 -3.38 31.34 10.92
C HIS A 90 -3.14 32.16 9.66
N HIS A 91 -2.44 31.61 8.70
CA HIS A 91 -2.14 32.31 7.44
C HIS A 91 -3.00 31.65 6.36
N VAL A 92 -3.86 32.44 5.75
CA VAL A 92 -4.79 31.90 4.75
C VAL A 92 -5.01 32.98 3.67
N LYS A 93 -5.00 32.55 2.42
CA LYS A 93 -5.18 33.45 1.24
C LYS A 93 -4.15 34.60 1.37
N GLY A 94 -2.92 34.23 1.72
CA GLY A 94 -1.76 35.12 1.70
C GLY A 94 -1.74 36.16 2.80
N LYS A 95 -2.57 36.06 3.84
CA LYS A 95 -2.60 37.02 4.97
C LYS A 95 -2.55 36.25 6.28
N SER A 96 -1.95 36.86 7.28
CA SER A 96 -1.82 36.31 8.64
C SER A 96 -2.86 36.89 9.58
N TYR A 97 -3.47 36.00 10.36
CA TYR A 97 -4.51 36.33 11.36
C TYR A 97 -4.06 35.76 12.69
N PRO A 98 -3.58 36.60 13.62
CA PRO A 98 -3.14 36.13 14.93
C PRO A 98 -4.36 35.75 15.77
N PHE A 99 -4.19 34.77 16.63
CA PHE A 99 -5.26 34.30 17.54
C PHE A 99 -4.68 33.61 18.76
N ARG A 100 -5.59 33.31 19.69
CA ARG A 100 -5.31 32.56 20.94
C ARG A 100 -6.27 31.37 21.03
N GLY A 101 -5.85 30.32 21.72
CA GLY A 101 -6.67 29.10 21.89
C GLY A 101 -6.24 28.11 20.84
N PRO A 102 -6.71 26.85 20.91
CA PRO A 102 -6.19 25.82 20.03
C PRO A 102 -6.64 25.93 18.57
N PHE A 103 -7.75 26.65 18.31
CA PHE A 103 -8.46 26.68 17.01
C PHE A 103 -8.42 28.08 16.41
N PRO A 104 -8.06 28.25 15.12
CA PRO A 104 -8.15 29.57 14.50
C PRO A 104 -9.60 30.03 14.55
N PRO A 105 -9.90 31.25 15.04
CA PRO A 105 -11.26 31.73 15.02
C PRO A 105 -11.80 31.98 13.60
N VAL A 106 -13.10 31.83 13.51
CA VAL A 106 -13.94 32.01 12.30
C VAL A 106 -15.01 33.03 12.66
N TRP A 107 -15.14 34.13 11.92
CA TRP A 107 -16.15 35.17 12.26
C TRP A 107 -17.44 34.99 11.45
N ASN A 108 -17.33 34.61 10.18
CA ASN A 108 -18.52 34.47 9.32
C ASN A 108 -19.45 33.45 9.99
N PRO A 109 -20.72 33.79 10.32
CA PRO A 109 -21.61 32.86 11.00
C PRO A 109 -21.82 31.51 10.31
N ILE A 110 -21.98 31.48 9.01
CA ILE A 110 -22.16 30.20 8.26
C ILE A 110 -20.88 29.39 8.37
N THR A 111 -19.75 30.03 8.19
CA THR A 111 -18.44 29.37 8.20
C THR A 111 -18.24 28.83 9.61
N TYR A 112 -18.65 29.58 10.63
CA TYR A 112 -18.49 29.18 12.05
C TYR A 112 -19.29 27.88 12.28
N LEU A 113 -20.54 27.81 11.82
CA LEU A 113 -21.36 26.58 11.96
C LEU A 113 -20.61 25.43 11.26
N ASP A 114 -20.10 25.67 10.06
CA ASP A 114 -19.48 24.60 9.26
C ASP A 114 -18.23 24.10 10.00
N HIS A 115 -17.38 25.00 10.44
CA HIS A 115 -16.17 24.60 11.20
C HIS A 115 -16.56 23.83 12.45
N ASN A 116 -17.46 24.39 13.25
CA ASN A 116 -17.85 23.80 14.54
C ASN A 116 -18.34 22.38 14.25
N ASN A 117 -19.18 22.23 13.22
CA ASN A 117 -19.76 20.92 12.91
C ASN A 117 -18.68 19.96 12.41
N PHE A 118 -17.70 20.45 11.67
CA PHE A 118 -16.69 19.52 11.10
C PHE A 118 -15.98 18.81 12.27
N TRP A 119 -15.45 19.57 13.21
CA TRP A 119 -14.63 18.99 14.32
C TRP A 119 -15.53 18.13 15.19
N ARG A 120 -16.70 18.66 15.49
CA ARG A 120 -17.70 17.93 16.29
C ARG A 120 -18.00 16.58 15.68
N THR A 121 -18.18 16.56 14.37
CA THR A 121 -18.62 15.36 13.64
C THR A 121 -17.44 14.37 13.60
N MET A 122 -16.21 14.84 13.44
CA MET A 122 -15.03 13.94 13.54
CA MET A 122 -15.04 13.94 13.55
C MET A 122 -15.09 13.20 14.90
N ASP A 123 -15.36 13.92 15.96
CA ASP A 123 -15.38 13.27 17.29
C ASP A 123 -16.64 12.44 17.46
N ASP A 124 -17.78 12.88 16.92
CA ASP A 124 -18.99 12.06 17.06
C ASP A 124 -18.79 10.69 16.37
N MET A 125 -18.21 10.74 15.17
CA MET A 125 -17.94 9.50 14.42
C MET A 125 -16.94 8.66 15.20
N GLY A 126 -15.91 9.31 15.75
CA GLY A 126 -14.89 8.64 16.57
C GLY A 126 -15.48 7.83 17.72
N ARG A 127 -16.54 8.34 18.34
CA ARG A 127 -17.10 7.63 19.52
C ARG A 127 -17.77 6.33 19.08
N GLU A 128 -18.05 6.15 17.79
CA GLU A 128 -18.60 4.87 17.31
C GLU A 128 -17.52 3.82 17.09
N ILE A 129 -16.22 4.21 17.21
CA ILE A 129 -15.10 3.36 16.74
C ILE A 129 -14.34 2.83 17.94
N PRO A 130 -14.41 1.51 18.22
CA PRO A 130 -13.60 0.98 19.31
C PRO A 130 -12.09 1.15 19.04
N SER A 131 -11.36 1.65 20.03
CA SER A 131 -9.91 1.91 19.96
C SER A 131 -9.16 0.62 19.66
N ASP A 132 -9.61 -0.48 20.21
CA ASP A 132 -8.91 -1.77 20.05
C ASP A 132 -9.47 -2.60 18.91
N ALA A 133 -10.43 -2.10 18.14
CA ALA A 133 -11.05 -2.90 17.08
C ALA A 133 -11.87 -1.97 16.21
N PRO A 134 -11.20 -1.08 15.45
CA PRO A 134 -11.97 -0.10 14.68
C PRO A 134 -12.89 -0.71 13.62
N TRP A 135 -12.54 -1.90 13.12
CA TRP A 135 -13.34 -2.67 12.15
C TRP A 135 -14.69 -3.10 12.75
N LYS A 136 -14.85 -2.95 14.06
CA LYS A 136 -16.14 -3.28 14.72
C LYS A 136 -17.06 -2.09 14.79
N ALA A 137 -16.68 -0.90 14.32
CA ALA A 137 -17.63 0.23 14.29
C ALA A 137 -18.86 -0.21 13.50
N PRO A 138 -20.09 0.24 13.88
CA PRO A 138 -21.29 -0.18 13.16
C PRO A 138 -21.23 0.10 11.65
N LEU A 139 -20.63 1.22 11.23
CA LEU A 139 -20.53 1.60 9.80
C LEU A 139 -19.06 1.47 9.36
N ALA A 140 -18.35 0.49 9.91
CA ALA A 140 -16.91 0.34 9.58
C ALA A 140 -16.74 0.22 8.07
N GLU A 141 -17.51 -0.62 7.40
CA GLU A 141 -17.33 -0.88 5.96
C GLU A 141 -17.59 0.41 5.19
N GLU A 142 -18.71 1.05 5.45
CA GLU A 142 -19.08 2.30 4.75
C GLU A 142 -17.96 3.33 4.95
N TRP A 143 -17.49 3.49 6.17
CA TRP A 143 -16.47 4.53 6.44
C TRP A 143 -15.10 4.12 5.87
N ASP A 144 -14.81 2.83 5.81
CA ASP A 144 -13.48 2.38 5.34
C ASP A 144 -13.43 2.47 3.83
N ASN A 145 -14.57 2.45 3.17
CA ASN A 145 -14.60 2.42 1.69
C ASN A 145 -14.62 3.81 1.09
N MET A 146 -14.46 4.84 1.90
CA MET A 146 -14.33 6.21 1.41
CA MET A 146 -14.35 6.24 1.45
C MET A 146 -12.99 6.78 1.90
N THR A 147 -12.44 7.67 1.13
CA THR A 147 -11.24 8.39 1.59
C THR A 147 -11.65 9.54 2.52
N MET A 148 -10.67 10.09 3.20
CA MET A 148 -10.94 11.34 3.92
C MET A 148 -11.34 12.45 2.97
N LYS A 149 -10.87 12.48 1.74
CA LYS A 149 -11.28 13.53 0.79
C LYS A 149 -12.80 13.42 0.60
N GLU A 150 -13.30 12.20 0.38
CA GLU A 150 -14.75 12.06 0.16
C GLU A 150 -15.48 12.50 1.40
N LEU A 151 -15.00 12.19 2.59
CA LEU A 151 -15.71 12.54 3.83
C LEU A 151 -15.70 14.06 3.97
N LEU A 152 -14.58 14.75 3.71
CA LEU A 152 -14.56 16.23 3.80
C LEU A 152 -15.48 16.83 2.75
N ASP A 153 -15.61 16.22 1.59
CA ASP A 153 -16.48 16.76 0.51
C ASP A 153 -17.92 16.64 0.98
N LYS A 154 -18.27 15.60 1.73
CA LYS A 154 -19.65 15.40 2.19
C LYS A 154 -19.93 16.36 3.34
N LEU A 155 -18.96 16.58 4.25
CA LEU A 155 -19.28 17.25 5.55
C LEU A 155 -19.11 18.76 5.44
N CYS A 156 -18.20 19.24 4.62
CA CYS A 156 -17.81 20.68 4.65
C CYS A 156 -18.65 21.44 3.63
N TRP A 157 -19.50 22.32 4.12
CA TRP A 157 -20.37 23.15 3.27
C TRP A 157 -19.64 24.44 2.95
N THR A 158 -18.45 24.66 3.47
CA THR A 158 -17.65 25.84 3.11
C THR A 158 -16.26 25.42 2.66
N GLU A 159 -15.67 26.18 1.76
CA GLU A 159 -14.28 25.93 1.35
C GLU A 159 -13.34 26.22 2.52
N SER A 160 -13.62 27.18 3.38
CA SER A 160 -12.79 27.50 4.56
CA SER A 160 -12.75 27.49 4.54
C SER A 160 -12.61 26.24 5.41
N ALA A 161 -13.71 25.59 5.72
CA ALA A 161 -13.65 24.39 6.58
C ALA A 161 -12.91 23.30 5.82
N LYS A 162 -13.18 23.12 4.54
CA LYS A 162 -12.56 22.03 3.78
C LYS A 162 -11.05 22.25 3.72
N GLN A 163 -10.57 23.50 3.54
CA GLN A 163 -9.12 23.74 3.47
C GLN A 163 -8.48 23.48 4.82
N LEU A 164 -9.08 23.93 5.93
CA LEU A 164 -8.48 23.72 7.26
C LEU A 164 -8.51 22.23 7.60
N ALA A 165 -9.58 21.54 7.24
CA ALA A 165 -9.71 20.10 7.51
C ALA A 165 -8.62 19.36 6.71
N THR A 166 -8.36 19.79 5.48
CA THR A 166 -7.31 19.17 4.64
C THR A 166 -5.96 19.32 5.33
N LEU A 167 -5.64 20.52 5.77
CA LEU A 167 -4.38 20.76 6.50
C LEU A 167 -4.32 19.86 7.74
N PHE A 168 -5.41 19.78 8.47
CA PHE A 168 -5.47 18.96 9.70
C PHE A 168 -5.10 17.51 9.36
N VAL A 169 -5.67 16.94 8.30
CA VAL A 169 -5.35 15.55 7.91
C VAL A 169 -3.88 15.48 7.50
N ASN A 170 -3.44 16.39 6.64
CA ASN A 170 -2.05 16.33 6.14
C ASN A 170 -1.06 16.38 7.32
N LEU A 171 -1.32 17.24 8.27
CA LEU A 171 -0.42 17.46 9.41
C LEU A 171 -0.49 16.28 10.40
N CYS A 172 -1.67 15.72 10.61
CA CYS A 172 -1.82 14.61 11.56
C CYS A 172 -1.16 13.33 11.02
N VAL A 173 -1.28 13.05 9.73
CA VAL A 173 -0.86 11.72 9.23
C VAL A 173 0.02 11.77 7.98
N THR A 174 0.58 12.94 7.65
CA THR A 174 1.59 13.12 6.60
C THR A 174 1.15 12.37 5.36
N ALA A 175 -0.12 12.55 5.05
CA ALA A 175 -0.70 11.97 3.84
C ALA A 175 -1.84 12.85 3.34
N GLU A 176 -2.12 12.67 2.09
CA GLU A 176 -3.20 13.43 1.46
C GLU A 176 -4.55 12.86 1.89
N THR A 177 -5.57 13.70 1.81
CA THR A 177 -6.92 13.26 2.17
C THR A 177 -7.43 12.14 1.29
N HIS A 178 -7.05 12.18 0.01
CA HIS A 178 -7.47 11.14 -0.95
C HIS A 178 -6.65 9.86 -0.79
N GLU A 179 -5.56 9.85 -0.01
CA GLU A 179 -4.72 8.65 0.17
C GLU A 179 -5.29 7.76 1.27
N VAL A 180 -6.02 8.29 2.23
CA VAL A 180 -6.30 7.57 3.50
C VAL A 180 -7.78 7.23 3.63
N SER A 181 -8.03 6.07 4.24
CA SER A 181 -9.36 5.66 4.67
C SER A 181 -9.92 6.65 5.70
N ALA A 182 -11.21 6.96 5.56
CA ALA A 182 -11.95 7.78 6.53
C ALA A 182 -12.07 7.00 7.84
N LEU A 183 -12.39 5.72 7.80
CA LEU A 183 -12.49 4.97 9.06
C LEU A 183 -11.15 5.02 9.78
N TRP A 184 -10.05 4.77 9.07
CA TRP A 184 -8.75 4.68 9.71
C TRP A 184 -8.39 6.05 10.30
N PHE A 185 -8.65 7.15 9.56
CA PHE A 185 -8.30 8.49 10.09
C PHE A 185 -9.16 8.81 11.32
N LEU A 186 -10.44 8.50 11.25
CA LEU A 186 -11.35 8.76 12.40
C LEU A 186 -10.89 7.96 13.61
N TRP A 187 -10.47 6.73 13.40
CA TRP A 187 -9.89 5.91 14.48
C TRP A 187 -8.65 6.61 15.01
N TYR A 188 -7.72 6.99 14.12
CA TYR A 188 -6.43 7.53 14.52
C TYR A 188 -6.69 8.74 15.45
N VAL A 189 -7.60 9.65 15.09
CA VAL A 189 -7.84 10.86 15.93
C VAL A 189 -8.51 10.42 17.23
N LYS A 190 -9.48 9.54 17.16
CA LYS A 190 -10.19 9.19 18.42
C LYS A 190 -9.23 8.49 19.40
N GLN A 191 -8.31 7.69 18.91
CA GLN A 191 -7.40 6.89 19.81
C GLN A 191 -6.28 7.78 20.35
N CYS A 192 -6.20 9.02 19.93
CA CYS A 192 -5.35 10.06 20.55
C CYS A 192 -6.17 10.88 21.51
N GLY A 193 -7.46 10.64 21.68
CA GLY A 193 -8.30 11.42 22.61
C GLY A 193 -9.19 12.44 21.91
N GLY A 194 -9.18 12.49 20.57
CA GLY A 194 -10.08 13.36 19.83
C GLY A 194 -9.38 14.58 19.27
N THR A 195 -10.18 15.39 18.57
CA THR A 195 -9.65 16.51 17.77
C THR A 195 -8.90 17.49 18.66
N THR A 196 -9.49 17.96 19.74
CA THR A 196 -8.85 18.97 20.58
C THR A 196 -7.51 18.43 21.10
N ARG A 197 -7.50 17.22 21.61
CA ARG A 197 -6.28 16.74 22.26
C ARG A 197 -5.18 16.60 21.18
N ILE A 198 -5.52 16.07 20.01
CA ILE A 198 -4.45 15.81 19.01
C ILE A 198 -3.88 17.13 18.49
N ILE A 199 -4.68 18.17 18.37
CA ILE A 199 -4.22 19.43 17.70
C ILE A 199 -3.57 20.37 18.68
N SER A 200 -3.77 20.18 19.99
CA SER A 200 -3.39 21.23 20.95
C SER A 200 -1.92 21.15 21.30
N THR A 201 -1.32 22.32 21.55
CA THR A 201 0.00 22.42 22.18
C THR A 201 -0.24 22.41 23.69
N THR A 202 -0.62 23.55 24.25
CA THR A 202 -1.08 23.52 25.67
C THR A 202 -2.24 22.52 25.78
N ASN A 203 -2.12 21.59 26.73
CA ASN A 203 -3.14 20.55 27.02
C ASN A 203 -3.30 19.51 25.89
N GLY A 204 -2.33 19.40 24.99
CA GLY A 204 -2.44 18.37 23.96
C GLY A 204 -1.11 17.74 23.60
N GLY A 205 -1.13 17.07 22.44
CA GLY A 205 0.02 16.26 22.02
C GLY A 205 1.29 17.01 21.87
N GLN A 206 1.22 18.32 21.60
CA GLN A 206 2.44 19.10 21.33
C GLN A 206 2.85 19.94 22.53
N GLU A 207 2.41 19.59 23.73
CA GLU A 207 2.71 20.46 24.87
C GLU A 207 4.18 20.51 25.19
N ARG A 208 4.92 19.42 25.05
CA ARG A 208 6.25 19.33 25.69
C ARG A 208 7.23 18.63 24.79
N LYS A 209 8.48 18.87 25.04
CA LYS A 209 9.60 18.09 24.49
C LYS A 209 10.44 17.58 25.64
N PHE A 210 11.33 16.66 25.35
CA PHE A 210 12.30 16.21 26.35
C PHE A 210 13.52 17.10 26.32
N VAL A 211 13.99 17.47 27.51
CA VAL A 211 15.27 18.21 27.63
C VAL A 211 16.39 17.30 27.15
N GLY A 212 17.09 17.72 26.10
CA GLY A 212 18.19 16.96 25.52
C GLY A 212 17.81 16.00 24.42
N GLY A 213 16.52 15.90 24.12
CA GLY A 213 16.08 15.13 22.95
C GLY A 213 15.43 13.81 23.29
N SER A 214 14.52 13.35 22.46
CA SER A 214 13.82 12.07 22.68
C SER A 214 14.70 10.86 22.41
N GLY A 215 15.77 11.01 21.64
CA GLY A 215 16.65 9.88 21.35
C GLY A 215 17.26 9.27 22.61
N GLN A 216 17.28 10.07 23.66
CA GLN A 216 17.81 9.64 24.96
C GLN A 216 16.99 8.50 25.53
N VAL A 217 15.72 8.38 25.16
CA VAL A 217 14.91 7.25 25.69
C VAL A 217 15.56 5.98 25.20
N SER A 218 15.74 5.81 23.91
CA SER A 218 16.26 4.57 23.37
C SER A 218 17.72 4.42 23.81
N GLU A 219 18.50 5.50 23.84
CA GLU A 219 19.93 5.42 24.17
C GLU A 219 20.10 4.99 25.64
N ARG A 220 19.27 5.49 26.55
CA ARG A 220 19.45 5.16 27.99
C ARG A 220 18.99 3.73 28.22
N ILE A 221 18.08 3.21 27.43
CA ILE A 221 17.71 1.78 27.58
C ILE A 221 18.82 0.93 27.01
N MET A 222 19.43 1.32 25.91
CA MET A 222 20.63 0.59 25.40
C MET A 222 21.71 0.57 26.51
N ASP A 223 21.89 1.67 27.22
CA ASP A 223 22.92 1.73 28.31
C ASP A 223 22.56 0.64 29.33
N LEU A 224 21.30 0.53 29.75
CA LEU A 224 20.88 -0.44 30.77
C LEU A 224 21.10 -1.87 30.26
N LEU A 225 20.93 -2.12 28.97
CA LEU A 225 20.93 -3.49 28.39
C LEU A 225 22.36 -3.89 28.02
N GLY A 226 23.30 -2.96 27.91
CA GLY A 226 24.68 -3.22 27.50
C GLY A 226 24.78 -3.89 26.17
N ASP A 227 25.49 -5.00 26.15
CA ASP A 227 25.88 -5.63 24.88
C ASP A 227 24.71 -6.46 24.35
N ARG A 228 23.56 -6.48 25.03
CA ARG A 228 22.37 -7.18 24.48
C ARG A 228 21.79 -6.47 23.24
N VAL A 229 22.15 -5.23 23.01
CA VAL A 229 21.71 -4.48 21.80
C VAL A 229 22.80 -4.66 20.74
N LYS A 230 22.43 -5.23 19.61
CA LYS A 230 23.33 -5.53 18.50
C LYS A 230 22.99 -4.55 17.38
N LEU A 231 23.85 -3.61 17.18
CA LEU A 231 23.68 -2.60 16.11
C LEU A 231 24.19 -3.13 14.78
N GLU A 232 23.67 -2.63 13.67
CA GLU A 232 24.03 -3.06 12.30
C GLU A 232 23.76 -4.56 12.16
N ARG A 233 22.63 -4.99 12.69
CA ARG A 233 22.11 -6.36 12.57
C ARG A 233 20.71 -6.28 11.97
N PRO A 234 20.60 -5.95 10.67
CA PRO A 234 19.28 -6.04 10.02
C PRO A 234 18.87 -7.51 9.94
N VAL A 235 17.68 -7.81 10.42
CA VAL A 235 17.10 -9.17 10.34
C VAL A 235 16.60 -9.43 8.92
N ILE A 236 16.99 -10.58 8.39
CA ILE A 236 16.66 -11.01 7.00
C ILE A 236 15.75 -12.23 6.97
N TYR A 237 15.74 -13.03 8.02
CA TYR A 237 15.15 -14.37 7.97
C TYR A 237 14.74 -14.81 9.36
N ILE A 238 13.52 -15.30 9.41
CA ILE A 238 12.97 -15.88 10.66
C ILE A 238 12.40 -17.25 10.33
N ASP A 239 12.92 -18.27 11.02
CA ASP A 239 12.56 -19.69 10.81
C ASP A 239 11.91 -20.20 12.10
N GLN A 240 10.64 -20.56 12.02
CA GLN A 240 9.88 -21.12 13.16
C GLN A 240 9.54 -22.60 12.95
N THR A 241 10.24 -23.30 12.09
CA THR A 241 9.92 -24.73 11.78
C THR A 241 10.46 -25.62 12.90
N ARG A 242 11.36 -25.14 13.76
CA ARG A 242 12.05 -26.02 14.76
C ARG A 242 11.63 -25.61 16.15
N GLU A 243 12.14 -26.32 17.17
CA GLU A 243 11.65 -26.12 18.54
C GLU A 243 11.97 -24.68 19.01
N ASN A 244 13.16 -24.17 18.69
CA ASN A 244 13.53 -22.77 19.00
C ASN A 244 13.42 -21.97 17.70
N VAL A 245 13.00 -20.71 17.80
CA VAL A 245 12.97 -19.77 16.63
C VAL A 245 14.39 -19.38 16.23
N LEU A 246 14.68 -19.39 14.94
CA LEU A 246 15.98 -18.98 14.40
C LEU A 246 15.81 -17.61 13.73
N VAL A 247 16.61 -16.64 14.12
CA VAL A 247 16.58 -15.29 13.51
C VAL A 247 17.96 -15.04 12.92
N GLU A 248 18.03 -14.77 11.63
CA GLU A 248 19.31 -14.50 10.93
C GLU A 248 19.40 -13.03 10.59
N THR A 249 20.60 -12.50 10.65
CA THR A 249 20.92 -11.09 10.28
C THR A 249 21.71 -11.04 8.98
N LEU A 250 21.73 -9.87 8.39
CA LEU A 250 22.36 -9.59 7.09
C LEU A 250 23.85 -9.89 7.21
N ASN A 251 24.44 -9.60 8.36
CA ASN A 251 25.91 -9.72 8.57
C ASN A 251 26.23 -11.17 8.97
N HIS A 252 25.32 -12.13 8.69
CA HIS A 252 25.42 -13.62 8.79
C HIS A 252 25.14 -14.24 10.17
N GLU A 253 24.95 -13.48 11.21
CA GLU A 253 24.78 -14.03 12.56
C GLU A 253 23.44 -14.74 12.71
N MET A 254 23.41 -15.74 13.55
CA MET A 254 22.19 -16.50 13.86
C MET A 254 21.88 -16.36 15.32
N TYR A 255 20.62 -16.06 15.64
CA TYR A 255 20.13 -15.97 17.02
C TYR A 255 19.07 -17.02 17.19
N GLU A 256 19.04 -17.69 18.35
CA GLU A 256 18.05 -18.72 18.67
C GLU A 256 17.29 -18.28 19.90
N ALA A 257 15.97 -18.26 19.83
CA ALA A 257 15.15 -17.78 20.94
C ALA A 257 13.91 -18.60 21.15
N LYS A 258 13.23 -18.42 22.26
CA LYS A 258 11.92 -19.04 22.48
C LYS A 258 10.83 -18.28 21.74
N TYR A 259 10.97 -16.94 21.70
CA TYR A 259 9.97 -16.07 21.08
C TYR A 259 10.67 -14.89 20.45
N VAL A 260 9.93 -14.24 19.54
CA VAL A 260 10.41 -13.02 18.83
C VAL A 260 9.38 -11.93 19.02
N ILE A 261 9.87 -10.71 19.23
CA ILE A 261 9.01 -9.50 19.12
C ILE A 261 9.45 -8.77 17.85
N SER A 262 8.49 -8.59 16.94
CA SER A 262 8.69 -7.70 15.78
C SER A 262 8.30 -6.28 16.17
N ALA A 263 9.28 -5.39 16.33
CA ALA A 263 9.06 -4.00 16.77
C ALA A 263 9.45 -3.04 15.65
N ILE A 264 9.13 -3.40 14.44
CA ILE A 264 9.40 -2.60 13.22
C ILE A 264 8.05 -2.20 12.61
N PRO A 265 8.04 -1.14 11.79
CA PRO A 265 6.81 -0.72 11.14
C PRO A 265 6.26 -1.90 10.35
N PRO A 266 4.94 -2.08 10.30
CA PRO A 266 4.37 -3.30 9.74
C PRO A 266 4.92 -3.62 8.35
N THR A 267 4.95 -2.69 7.41
CA THR A 267 5.40 -3.01 6.05
C THR A 267 6.85 -3.43 6.03
N LEU A 268 7.65 -2.99 6.99
CA LEU A 268 9.08 -3.39 6.99
C LEU A 268 9.25 -4.86 7.37
N GLY A 269 8.19 -5.56 7.78
CA GLY A 269 8.19 -7.02 7.85
C GLY A 269 8.48 -7.65 6.51
N MET A 270 8.26 -6.92 5.41
CA MET A 270 8.55 -7.42 4.03
CA MET A 270 8.55 -7.45 4.05
C MET A 270 10.04 -7.67 3.86
N LYS A 271 10.88 -7.01 4.67
CA LYS A 271 12.36 -7.14 4.51
C LYS A 271 12.82 -8.48 5.12
N ILE A 272 11.92 -9.23 5.72
CA ILE A 272 12.25 -10.51 6.38
C ILE A 272 11.62 -11.61 5.53
N HIS A 273 12.42 -12.64 5.20
CA HIS A 273 11.95 -13.87 4.56
C HIS A 273 11.53 -14.82 5.69
N PHE A 274 10.32 -15.36 5.62
CA PHE A 274 9.74 -16.17 6.70
C PHE A 274 9.62 -17.62 6.25
N ASN A 275 9.99 -18.47 7.19
CA ASN A 275 9.84 -19.93 7.06
C ASN A 275 9.17 -20.40 8.34
N PRO A 276 7.95 -20.98 8.29
CA PRO A 276 7.19 -21.15 7.04
C PRO A 276 6.69 -19.77 6.59
N PRO A 277 6.08 -19.70 5.41
CA PRO A 277 5.54 -18.42 4.94
C PRO A 277 4.51 -17.87 5.96
N LEU A 278 4.40 -16.55 6.00
CA LEU A 278 3.35 -15.92 6.84
C LEU A 278 2.01 -16.45 6.40
N PRO A 279 1.04 -16.46 7.33
CA PRO A 279 -0.33 -16.71 6.93
C PRO A 279 -0.80 -15.67 5.88
N MET A 280 -1.77 -16.04 5.04
CA MET A 280 -2.22 -15.20 3.91
C MET A 280 -2.50 -13.76 4.34
N MET A 281 -3.28 -13.58 5.41
CA MET A 281 -3.75 -12.23 5.68
C MET A 281 -2.57 -11.34 6.06
N ARG A 282 -1.64 -11.82 6.84
CA ARG A 282 -0.48 -10.97 7.18
C ARG A 282 0.42 -10.81 5.95
N ASN A 283 0.58 -11.86 5.17
CA ASN A 283 1.39 -11.79 3.94
C ASN A 283 0.91 -10.63 3.06
N GLN A 284 -0.38 -10.48 2.90
CA GLN A 284 -0.88 -9.37 2.09
C GLN A 284 -0.95 -8.07 2.88
N MET A 285 -1.29 -8.08 4.16
CA MET A 285 -1.42 -6.84 4.95
CA MET A 285 -1.42 -6.84 4.95
C MET A 285 -0.13 -6.02 4.82
N ILE A 286 1.02 -6.69 4.89
CA ILE A 286 2.30 -5.94 5.02
C ILE A 286 2.70 -5.27 3.70
N THR A 287 1.93 -5.49 2.62
CA THR A 287 2.08 -4.81 1.31
C THR A 287 1.06 -3.69 1.14
N ARG A 288 0.21 -3.46 2.14
CA ARG A 288 -0.95 -2.58 2.01
C ARG A 288 -0.90 -1.37 2.94
N VAL A 289 0.20 -1.17 3.64
CA VAL A 289 0.25 -0.25 4.82
C VAL A 289 1.49 0.62 4.73
N PRO A 290 1.46 1.64 3.86
CA PRO A 290 2.58 2.55 3.69
C PRO A 290 2.74 3.50 4.87
N LEU A 291 3.91 4.11 4.98
CA LEU A 291 4.10 5.22 5.92
C LEU A 291 4.00 6.54 5.15
N GLY A 292 3.69 7.60 5.89
CA GLY A 292 3.57 8.92 5.30
C GLY A 292 4.87 9.56 4.94
N SER A 293 4.77 10.79 4.45
CA SER A 293 5.91 11.51 3.84
C SER A 293 6.10 12.87 4.49
N VAL A 294 7.30 13.10 5.03
CA VAL A 294 7.54 14.36 5.73
C VAL A 294 9.02 14.67 5.73
N ILE A 295 9.30 15.97 5.63
CA ILE A 295 10.65 16.53 5.89
C ILE A 295 10.49 17.41 7.14
N LYS A 296 11.23 17.13 8.21
CA LYS A 296 11.25 17.99 9.39
C LYS A 296 12.41 18.96 9.26
N CYS A 297 12.11 20.27 9.36
CA CYS A 297 13.07 21.33 9.01
C CYS A 297 13.17 22.29 10.16
N ILE A 298 14.39 22.60 10.60
CA ILE A 298 14.57 23.52 11.76
C ILE A 298 15.50 24.64 11.27
N VAL A 299 14.96 25.86 11.27
CA VAL A 299 15.69 27.08 10.89
C VAL A 299 16.07 27.81 12.18
N TYR A 300 17.34 28.09 12.32
CA TYR A 300 17.88 28.75 13.52
C TYR A 300 18.10 30.22 13.25
N TYR A 301 17.92 30.99 14.31
CA TYR A 301 18.05 32.46 14.29
C TYR A 301 18.83 32.95 15.50
N LYS A 302 19.31 34.18 15.42
CA LYS A 302 20.10 34.77 16.52
C LYS A 302 19.23 34.93 17.77
N GLU A 303 17.95 35.22 17.58
CA GLU A 303 17.00 35.42 18.67
C GLU A 303 15.62 34.95 18.25
N PRO A 304 14.72 34.67 19.21
CA PRO A 304 13.34 34.29 18.92
C PRO A 304 12.56 35.56 18.66
N PHE A 305 12.87 36.18 17.52
CA PHE A 305 12.43 37.55 17.20
C PHE A 305 10.91 37.65 17.13
N TRP A 306 10.27 36.56 16.75
CA TRP A 306 8.79 36.52 16.63
C TRP A 306 8.12 36.88 17.95
N ARG A 307 8.72 36.50 19.08
CA ARG A 307 8.08 36.75 20.39
C ARG A 307 7.97 38.27 20.63
N LYS A 308 8.90 39.05 20.08
CA LYS A 308 8.87 40.53 20.27
C LYS A 308 7.68 41.13 19.52
N LYS A 309 7.12 40.42 18.52
CA LYS A 309 5.91 40.81 17.76
C LYS A 309 4.68 40.17 18.39
N ASP A 310 4.84 39.54 19.54
CA ASP A 310 3.73 38.88 20.24
C ASP A 310 3.21 37.69 19.41
N TYR A 311 4.14 36.97 18.78
CA TYR A 311 3.86 35.68 18.10
C TYR A 311 4.63 34.59 18.83
N CYS A 312 4.00 33.46 19.14
CA CYS A 312 4.71 32.39 19.87
C CYS A 312 5.61 31.58 18.95
N GLY A 313 5.37 31.63 17.64
CA GLY A 313 6.15 30.81 16.66
C GLY A 313 5.27 29.75 16.02
N THR A 314 4.06 29.55 16.49
CA THR A 314 3.09 28.63 15.89
C THR A 314 2.45 29.28 14.67
N MET A 315 2.60 28.66 13.53
CA MET A 315 2.00 29.13 12.27
C MET A 315 1.24 27.95 11.66
N ILE A 316 -0.01 28.21 11.26
CA ILE A 316 -0.88 27.26 10.55
C ILE A 316 -1.07 27.87 9.19
N ILE A 317 -0.40 27.31 8.19
CA ILE A 317 -0.22 28.02 6.90
C ILE A 317 -0.91 27.24 5.80
N ASP A 318 -1.99 27.80 5.28
CA ASP A 318 -2.76 27.18 4.19
C ASP A 318 -2.17 27.60 2.85
N GLY A 319 -2.36 26.83 1.82
CA GLY A 319 -1.93 27.25 0.48
C GLY A 319 -0.89 26.33 -0.12
N GLU A 320 -1.06 26.06 -1.41
CA GLU A 320 -0.18 25.12 -2.10
C GLU A 320 1.23 25.68 -2.18
N GLU A 321 1.39 27.01 -2.31
CA GLU A 321 2.74 27.58 -2.51
C GLU A 321 3.53 27.37 -1.22
N ALA A 322 2.87 27.31 -0.06
CA ALA A 322 3.65 27.27 1.20
C ALA A 322 4.34 25.92 1.29
N PRO A 323 5.66 25.84 1.38
CA PRO A 323 6.31 24.55 1.54
C PRO A 323 5.98 23.88 2.87
N VAL A 324 5.78 24.70 3.91
CA VAL A 324 5.52 24.26 5.29
C VAL A 324 4.13 24.69 5.67
N ALA A 325 3.28 23.78 6.16
CA ALA A 325 1.91 24.07 6.57
C ALA A 325 1.83 24.32 8.07
N TYR A 326 2.88 23.98 8.83
CA TYR A 326 2.75 24.06 10.30
C TYR A 326 4.12 24.25 10.88
N THR A 327 4.22 25.20 11.85
CA THR A 327 5.47 25.43 12.59
C THR A 327 5.19 25.52 14.08
N LEU A 328 6.26 25.28 14.82
CA LEU A 328 6.33 25.53 16.28
C LEU A 328 7.66 26.18 16.59
N ASP A 329 7.67 27.00 17.63
CA ASP A 329 8.92 27.50 18.25
C ASP A 329 9.76 26.30 18.72
N ASP A 330 11.00 26.21 18.30
CA ASP A 330 11.89 25.12 18.75
C ASP A 330 13.07 25.67 19.56
N THR A 331 12.95 26.90 20.02
CA THR A 331 13.96 27.50 20.94
C THR A 331 14.14 26.64 22.18
N LYS A 332 15.38 26.55 22.65
CA LYS A 332 15.67 25.79 23.89
C LYS A 332 14.94 26.45 25.06
N PRO A 333 14.67 25.69 26.14
CA PRO A 333 13.95 26.24 27.29
C PRO A 333 14.74 27.38 27.97
N GLU A 334 16.05 27.38 27.81
CA GLU A 334 16.95 28.46 28.31
C GLU A 334 16.79 29.74 27.49
N GLY A 335 16.15 29.70 26.30
CA GLY A 335 15.86 30.88 25.47
C GLY A 335 16.86 31.05 24.35
N ASN A 336 17.91 30.24 24.30
CA ASN A 336 18.98 30.29 23.26
C ASN A 336 18.68 29.24 22.16
N TYR A 337 19.53 29.20 21.16
CA TYR A 337 19.39 28.39 19.93
C TYR A 337 17.97 28.65 19.41
N ALA A 338 17.62 29.91 19.25
CA ALA A 338 16.30 30.29 18.73
C ALA A 338 16.06 29.56 17.42
N ALA A 339 14.85 29.04 17.27
CA ALA A 339 14.59 28.21 16.09
C ALA A 339 13.10 28.07 15.85
N ILE A 340 12.79 27.89 14.57
CA ILE A 340 11.43 27.52 14.09
CA ILE A 340 11.43 27.52 14.10
C ILE A 340 11.50 26.12 13.48
N MET A 341 10.67 25.22 13.97
CA MET A 341 10.50 23.89 13.39
C MET A 341 9.32 23.95 12.45
N GLY A 342 9.46 23.43 11.23
CA GLY A 342 8.32 23.24 10.37
C GLY A 342 8.33 21.88 9.71
N PHE A 343 7.14 21.44 9.33
CA PHE A 343 6.95 20.21 8.58
C PHE A 343 6.62 20.51 7.12
N ILE A 344 7.32 19.83 6.22
CA ILE A 344 6.96 19.76 4.78
C ILE A 344 6.19 18.47 4.61
N LEU A 345 4.89 18.55 4.30
CA LEU A 345 3.95 17.41 4.43
C LEU A 345 3.61 16.75 3.10
N ALA A 346 3.50 15.43 3.13
CA ALA A 346 2.74 14.65 2.12
C ALA A 346 3.31 14.91 0.71
N HIS A 347 2.55 15.36 -0.25
CA HIS A 347 3.11 15.53 -1.62
C HIS A 347 4.24 16.56 -1.60
N LYS A 348 4.19 17.53 -0.71
CA LYS A 348 5.23 18.60 -0.75
C LYS A 348 6.58 18.00 -0.36
N ALA A 349 6.59 16.98 0.50
CA ALA A 349 7.83 16.28 0.88
C ALA A 349 8.41 15.64 -0.39
N ARG A 350 7.58 15.05 -1.24
CA ARG A 350 8.05 14.42 -2.51
C ARG A 350 8.48 15.53 -3.47
N LYS A 351 7.70 16.58 -3.63
CA LYS A 351 7.97 17.62 -4.65
C LYS A 351 9.25 18.38 -4.26
N LEU A 352 9.41 18.75 -3.01
CA LEU A 352 10.48 19.68 -2.62
C LEU A 352 11.79 18.91 -2.29
N ALA A 353 11.72 17.60 -2.28
CA ALA A 353 12.94 16.76 -2.10
C ALA A 353 13.87 16.95 -3.30
N ARG A 354 13.35 17.39 -4.44
CA ARG A 354 14.12 17.63 -5.69
C ARG A 354 15.12 18.79 -5.45
N LEU A 355 14.83 19.70 -4.53
CA LEU A 355 15.68 20.88 -4.27
C LEU A 355 16.93 20.51 -3.47
N THR A 356 17.90 21.43 -3.43
CA THR A 356 19.01 21.34 -2.48
C THR A 356 18.55 21.78 -1.08
N LYS A 357 19.33 21.42 -0.09
CA LYS A 357 19.12 21.85 1.30
C LYS A 357 19.07 23.38 1.33
N GLU A 358 20.00 24.05 0.66
CA GLU A 358 20.05 25.51 0.64
C GLU A 358 18.79 26.08 -0.02
N GLU A 359 18.30 25.48 -1.11
CA GLU A 359 17.04 25.93 -1.75
C GLU A 359 15.88 25.79 -0.80
N ARG A 360 15.79 24.68 -0.08
CA ARG A 360 14.67 24.53 0.89
C ARG A 360 14.80 25.60 1.97
N LEU A 361 16.01 25.79 2.51
CA LEU A 361 16.16 26.85 3.53
C LEU A 361 15.63 28.18 3.00
N LYS A 362 16.04 28.58 1.80
CA LYS A 362 15.58 29.88 1.26
C LYS A 362 14.06 29.93 1.17
N LYS A 363 13.40 28.89 0.64
CA LYS A 363 11.93 28.93 0.52
C LYS A 363 11.29 29.05 1.91
N LEU A 364 11.84 28.33 2.89
CA LEU A 364 11.25 28.36 4.25
C LEU A 364 11.41 29.77 4.85
N CYS A 365 12.60 30.35 4.73
CA CYS A 365 12.82 31.70 5.26
C CYS A 365 11.90 32.71 4.58
N GLU A 366 11.72 32.62 3.25
CA GLU A 366 10.84 33.57 2.54
C GLU A 366 9.40 33.40 3.02
N LEU A 367 8.97 32.15 3.25
CA LEU A 367 7.62 31.92 3.74
C LEU A 367 7.48 32.55 5.13
N TYR A 368 8.41 32.23 6.02
CA TYR A 368 8.34 32.71 7.42
C TYR A 368 8.38 34.24 7.44
N ALA A 369 9.20 34.87 6.59
CA ALA A 369 9.24 36.34 6.55
C ALA A 369 7.86 36.89 6.24
N LYS A 370 7.19 36.31 5.24
CA LYS A 370 5.85 36.78 4.86
C LYS A 370 4.86 36.52 6.00
N VAL A 371 4.83 35.29 6.51
CA VAL A 371 3.82 34.96 7.53
C VAL A 371 3.98 35.80 8.81
N LEU A 372 5.22 36.00 9.23
CA LEU A 372 5.55 36.74 10.46
C LEU A 372 5.65 38.25 10.19
N GLY A 373 5.53 38.66 8.92
CA GLY A 373 5.74 40.07 8.53
C GLY A 373 7.07 40.53 9.03
N SER A 374 8.15 39.75 8.86
CA SER A 374 9.41 40.02 9.58
C SER A 374 10.58 39.77 8.64
N LEU A 375 11.27 40.84 8.26
CA LEU A 375 12.48 40.68 7.44
C LEU A 375 13.55 39.87 8.19
N GLU A 376 13.54 39.86 9.51
CA GLU A 376 14.55 39.07 10.28
C GLU A 376 14.48 37.57 9.91
N ALA A 377 13.34 37.09 9.43
CA ALA A 377 13.23 35.66 9.09
C ALA A 377 14.14 35.33 7.93
N LEU A 378 14.63 36.32 7.16
CA LEU A 378 15.54 36.08 6.03
C LEU A 378 16.98 35.98 6.52
N GLU A 379 17.22 36.00 7.81
CA GLU A 379 18.60 35.98 8.36
C GLU A 379 18.86 34.78 9.24
N PRO A 380 18.68 33.55 8.70
CA PRO A 380 18.98 32.35 9.49
C PRO A 380 20.47 32.26 9.80
N VAL A 381 20.78 31.62 10.91
CA VAL A 381 22.19 31.39 11.34
C VAL A 381 22.57 29.93 11.12
N HIS A 382 21.60 29.05 10.97
CA HIS A 382 21.88 27.60 10.83
C HIS A 382 20.60 26.92 10.37
N TYR A 383 20.75 25.70 9.85
CA TYR A 383 19.61 24.94 9.34
C TYR A 383 19.90 23.46 9.51
N GLU A 384 18.88 22.70 9.98
CA GLU A 384 18.95 21.23 9.98
C GLU A 384 17.65 20.70 9.42
N GLU A 385 17.72 19.57 8.73
CA GLU A 385 16.51 18.95 8.21
C GLU A 385 16.70 17.45 8.15
N LYS A 386 15.57 16.75 8.07
CA LYS A 386 15.62 15.31 7.75
C LYS A 386 14.36 14.92 6.95
N ASN A 387 14.59 14.34 5.78
CA ASN A 387 13.58 13.76 4.90
C ASN A 387 13.44 12.29 5.24
N TRP A 388 12.41 11.96 6.00
CA TRP A 388 12.22 10.56 6.44
C TRP A 388 11.75 9.65 5.31
N CYS A 389 11.36 10.17 4.16
CA CYS A 389 10.98 9.33 3.02
C CYS A 389 12.19 8.54 2.55
N GLU A 390 13.41 8.96 2.88
CA GLU A 390 14.59 8.28 2.30
C GLU A 390 15.08 7.11 3.15
N GLU A 391 14.47 6.85 4.30
CA GLU A 391 14.97 5.86 5.28
C GLU A 391 14.53 4.45 4.95
N GLN A 392 15.47 3.60 4.53
CA GLN A 392 15.18 2.19 4.28
C GLN A 392 14.57 1.51 5.50
N TYR A 393 15.01 1.84 6.71
CA TYR A 393 14.58 1.10 7.91
C TYR A 393 13.53 1.86 8.69
N SER A 394 12.91 2.88 8.08
CA SER A 394 11.64 3.49 8.58
C SER A 394 10.52 3.37 7.55
N GLY A 395 10.77 3.72 6.30
CA GLY A 395 9.75 3.72 5.23
C GLY A 395 9.06 5.06 5.11
N GLY A 396 9.19 5.92 6.09
CA GLY A 396 8.51 7.22 6.14
C GLY A 396 8.33 7.67 7.57
N CYS A 397 7.54 8.71 7.75
CA CYS A 397 7.14 9.23 9.08
C CYS A 397 5.82 9.98 8.90
N TYR A 398 5.06 10.20 9.97
CA TYR A 398 5.38 9.74 11.32
C TYR A 398 5.10 8.25 11.46
N THR A 399 4.10 7.76 10.76
CA THR A 399 3.51 6.44 11.01
C THR A 399 2.86 5.90 9.73
N THR A 400 2.37 4.69 9.86
CA THR A 400 1.65 3.92 8.85
C THR A 400 0.23 4.44 8.68
N TYR A 401 -0.16 4.69 7.45
CA TYR A 401 -1.56 5.02 7.16
C TYR A 401 -2.20 3.88 6.42
N PHE A 402 -3.52 3.83 6.51
CA PHE A 402 -4.32 2.77 5.84
C PHE A 402 -5.13 3.39 4.71
N PRO A 403 -4.88 2.96 3.47
CA PRO A 403 -5.66 3.39 2.32
C PRO A 403 -7.06 2.81 2.43
N PRO A 404 -8.01 3.31 1.62
CA PRO A 404 -9.38 2.81 1.67
C PRO A 404 -9.44 1.30 1.53
N GLY A 405 -10.23 0.70 2.42
CA GLY A 405 -10.59 -0.71 2.34
C GLY A 405 -9.68 -1.64 3.13
N ILE A 406 -8.55 -1.17 3.64
CA ILE A 406 -7.53 -2.03 4.21
C ILE A 406 -7.83 -2.34 5.68
N LEU A 407 -8.26 -1.34 6.45
CA LEU A 407 -8.35 -1.57 7.89
C LEU A 407 -9.45 -2.60 8.17
N THR A 408 -10.59 -2.57 7.49
CA THR A 408 -11.64 -3.57 7.74
C THR A 408 -11.18 -4.94 7.27
N GLN A 409 -10.41 -5.03 6.19
CA GLN A 409 -10.10 -6.36 5.64
C GLN A 409 -8.92 -6.99 6.37
N TYR A 410 -7.96 -6.20 6.82
CA TYR A 410 -6.63 -6.68 7.30
C TYR A 410 -6.34 -6.23 8.71
N GLY A 411 -7.07 -5.27 9.28
CA GLY A 411 -6.69 -4.67 10.57
C GLY A 411 -6.64 -5.71 11.67
N ARG A 412 -7.50 -6.69 11.62
CA ARG A 412 -7.58 -7.72 12.71
C ARG A 412 -6.21 -8.40 12.85
N VAL A 413 -5.36 -8.45 11.83
CA VAL A 413 -4.14 -9.28 11.98
C VAL A 413 -2.96 -8.42 12.39
N LEU A 414 -3.10 -7.11 12.51
CA LEU A 414 -1.94 -6.25 12.78
C LEU A 414 -1.15 -6.71 14.00
N ARG A 415 -1.82 -7.10 15.10
CA ARG A 415 -1.09 -7.52 16.32
C ARG A 415 -1.45 -8.97 16.68
N GLN A 416 -1.91 -9.72 15.72
CA GLN A 416 -2.16 -11.17 15.93
C GLN A 416 -0.83 -11.93 15.90
N PRO A 417 -0.49 -12.70 16.94
CA PRO A 417 0.75 -13.46 16.90
C PRO A 417 0.79 -14.41 15.74
N VAL A 418 1.99 -14.60 15.24
CA VAL A 418 2.27 -15.63 14.23
C VAL A 418 3.19 -16.67 14.90
N ASP A 419 2.58 -17.75 15.39
CA ASP A 419 3.27 -18.84 16.15
C ASP A 419 3.95 -18.18 17.35
N ARG A 420 5.28 -17.99 17.30
CA ARG A 420 6.05 -17.42 18.41
C ARG A 420 6.56 -16.03 18.13
N ILE A 421 6.03 -15.40 17.07
CA ILE A 421 6.27 -13.96 16.78
C ILE A 421 5.10 -13.11 17.29
N TYR A 422 5.43 -12.16 18.15
CA TYR A 422 4.46 -11.18 18.72
C TYR A 422 4.82 -9.82 18.11
N PHE A 423 3.85 -8.92 18.04
CA PHE A 423 4.00 -7.66 17.29
C PHE A 423 3.93 -6.47 18.19
N ALA A 424 5.03 -5.74 18.23
CA ALA A 424 5.09 -4.44 18.94
C ALA A 424 5.07 -3.36 17.85
N GLY A 425 5.65 -2.21 18.14
CA GLY A 425 5.65 -1.05 17.25
C GLY A 425 4.44 -0.20 17.49
N THR A 426 4.61 1.10 17.35
CA THR A 426 3.53 2.05 17.63
C THR A 426 2.25 1.77 16.86
N GLU A 427 2.36 1.22 15.66
CA GLU A 427 1.19 0.94 14.82
C GLU A 427 0.21 -0.02 15.47
N THR A 428 0.70 -0.79 16.46
CA THR A 428 -0.14 -1.83 17.12
C THR A 428 -0.70 -1.31 18.43
N ALA A 429 -0.49 -0.05 18.78
CA ALA A 429 -1.03 0.55 20.01
C ALA A 429 -2.51 0.81 19.84
N THR A 430 -3.17 0.97 20.99
CA THR A 430 -4.59 1.36 21.04
C THR A 430 -4.79 2.78 21.61
N HIS A 431 -3.74 3.42 22.07
CA HIS A 431 -3.82 4.78 22.60
C HIS A 431 -2.55 5.50 22.13
N TRP A 432 -2.69 6.58 21.34
CA TRP A 432 -1.55 7.30 20.74
C TRP A 432 -0.70 6.35 19.89
N SER A 433 -1.38 5.41 19.22
CA SER A 433 -0.77 4.78 18.04
C SER A 433 -0.23 5.87 17.11
N GLY A 434 1.00 5.69 16.62
CA GLY A 434 1.64 6.68 15.73
C GLY A 434 2.66 7.50 16.45
N TYR A 435 2.67 7.47 17.77
CA TYR A 435 3.46 8.32 18.65
C TYR A 435 4.47 7.49 19.42
N MET A 436 5.36 8.21 20.11
CA MET A 436 6.27 7.56 21.08
C MET A 436 5.45 6.88 22.18
N GLU A 437 4.36 7.46 22.62
CA GLU A 437 3.48 6.86 23.64
C GLU A 437 3.00 5.49 23.17
N GLY A 438 2.49 5.41 21.93
CA GLY A 438 2.03 4.13 21.41
C GLY A 438 3.14 3.13 21.30
N ALA A 439 4.32 3.57 20.96
CA ALA A 439 5.47 2.64 20.91
C ALA A 439 5.65 1.99 22.29
N VAL A 440 5.58 2.78 23.37
CA VAL A 440 5.77 2.17 24.70
C VAL A 440 4.62 1.21 24.97
N GLU A 441 3.38 1.61 24.73
CA GLU A 441 2.22 0.76 24.99
C GLU A 441 2.44 -0.59 24.30
N ALA A 442 2.75 -0.56 23.01
CA ALA A 442 2.81 -1.79 22.19
C ALA A 442 3.99 -2.67 22.64
N GLY A 443 5.14 -2.07 22.88
CA GLY A 443 6.33 -2.85 23.27
C GLY A 443 6.08 -3.59 24.58
N GLU A 444 5.51 -2.88 25.54
CA GLU A 444 5.28 -3.49 26.89
C GLU A 444 4.17 -4.51 26.77
N ARG A 445 3.14 -4.28 25.96
CA ARG A 445 2.02 -5.24 25.78
C ARG A 445 2.57 -6.50 25.09
N ALA A 446 3.39 -6.37 24.07
CA ALA A 446 3.97 -7.55 23.38
C ALA A 446 4.84 -8.35 24.35
N ALA A 447 5.68 -7.65 25.09
CA ALA A 447 6.52 -8.32 26.12
C ALA A 447 5.62 -9.07 27.09
N ARG A 448 4.52 -8.49 27.54
CA ARG A 448 3.64 -9.21 28.49
C ARG A 448 2.91 -10.35 27.80
N GLU A 449 2.59 -10.28 26.52
CA GLU A 449 2.00 -11.46 25.84
C GLU A 449 3.00 -12.62 25.92
N ILE A 450 4.30 -12.37 25.78
CA ILE A 450 5.32 -13.45 25.89
C ILE A 450 5.38 -13.92 27.35
N LEU A 451 5.39 -13.02 28.32
CA LEU A 451 5.41 -13.44 29.75
C LEU A 451 4.20 -14.32 30.00
N HIS A 452 3.05 -14.04 29.39
CA HIS A 452 1.85 -14.86 29.60
C HIS A 452 2.02 -16.21 28.91
N ALA A 453 2.60 -16.25 27.72
CA ALA A 453 2.81 -17.49 26.95
C ALA A 453 3.71 -18.38 27.80
N MET A 454 4.60 -17.77 28.57
CA MET A 454 5.63 -18.50 29.33
C MET A 454 5.06 -18.93 30.69
N GLY A 455 3.83 -18.52 30.99
CA GLY A 455 3.13 -18.84 32.26
C GLY A 455 3.63 -18.02 33.43
N LYS A 456 4.25 -16.87 33.18
CA LYS A 456 4.85 -16.01 34.23
C LYS A 456 3.83 -15.01 34.77
N ILE A 457 2.80 -14.65 34.00
CA ILE A 457 1.73 -13.71 34.41
C ILE A 457 0.42 -14.24 33.88
N PRO A 458 -0.68 -13.91 34.57
CA PRO A 458 -2.02 -14.27 34.11
C PRO A 458 -2.45 -13.41 32.91
N GLU A 459 -3.47 -13.89 32.21
CA GLU A 459 -3.94 -13.22 30.98
C GLU A 459 -4.34 -11.76 31.26
N ASP A 460 -4.91 -11.47 32.42
CA ASP A 460 -5.45 -10.12 32.72
C ASP A 460 -4.33 -9.13 32.95
N GLU A 461 -3.04 -9.53 32.93
CA GLU A 461 -1.90 -8.62 33.13
C GLU A 461 -1.25 -8.30 31.77
N ILE A 462 -1.80 -8.80 30.69
CA ILE A 462 -1.20 -8.51 29.34
C ILE A 462 -1.42 -7.03 29.03
N TRP A 463 -2.64 -6.54 29.17
CA TRP A 463 -2.99 -5.12 28.96
C TRP A 463 -3.02 -4.47 30.34
N GLN A 464 -2.28 -3.42 30.57
CA GLN A 464 -2.08 -2.80 31.92
C GLN A 464 -2.37 -1.33 31.78
N SER A 465 -3.28 -0.79 32.60
CA SER A 465 -3.52 0.67 32.64
C SER A 465 -2.26 1.37 33.16
N GLU A 466 -2.18 2.69 32.92
CA GLU A 466 -1.00 3.49 33.32
C GLU A 466 -1.47 4.60 34.23
N PRO A 467 -0.86 4.76 35.42
CA PRO A 467 -1.25 5.89 36.28
C PRO A 467 -0.99 7.21 35.55
N GLU A 468 -1.80 8.22 35.84
CA GLU A 468 -1.64 9.57 35.27
C GLU A 468 -0.32 10.15 35.77
N SER A 469 0.48 10.74 34.90
CA SER A 469 1.67 11.50 35.28
C SER A 469 1.33 12.60 36.30
N VAL A 470 2.13 12.71 37.34
CA VAL A 470 1.94 13.79 38.35
C VAL A 470 2.58 15.07 37.82
N ASP A 471 3.50 14.98 36.85
CA ASP A 471 4.25 16.12 36.28
C ASP A 471 3.47 16.78 35.14
N VAL A 472 2.68 16.00 34.41
CA VAL A 472 1.98 16.48 33.19
C VAL A 472 0.54 16.12 33.37
N PRO A 473 -0.18 16.94 34.16
CA PRO A 473 -1.61 16.77 34.39
C PRO A 473 -2.42 16.99 33.11
N ALA A 474 -3.44 16.17 32.90
CA ALA A 474 -4.32 16.30 31.71
C ALA A 474 -5.63 17.01 32.11
N GLN A 475 -5.83 18.18 31.55
CA GLN A 475 -7.11 18.89 31.65
C GLN A 475 -8.10 18.15 30.78
N PRO A 476 -9.35 18.02 31.20
CA PRO A 476 -10.36 17.35 30.44
C PRO A 476 -10.66 18.16 29.18
N ILE A 477 -11.13 17.44 28.18
CA ILE A 477 -11.59 18.11 26.96
C ILE A 477 -13.03 18.49 27.20
N THR A 478 -13.35 19.75 27.04
CA THR A 478 -14.72 20.25 27.35
C THR A 478 -15.26 20.92 26.10
N THR A 479 -16.57 21.01 26.04
CA THR A 479 -17.30 21.78 24.99
C THR A 479 -18.23 22.77 25.67
N THR A 480 -18.64 23.81 24.94
CA THR A 480 -19.72 24.74 25.38
C THR A 480 -21.07 24.19 24.92
N PHE A 481 -22.16 24.58 25.59
CA PHE A 481 -23.55 24.34 25.13
C PHE A 481 -23.69 24.63 23.62
N LEU A 482 -23.21 25.78 23.19
CA LEU A 482 -23.38 26.22 21.78
C LEU A 482 -22.59 25.29 20.85
N GLU A 483 -21.38 24.89 21.27
CA GLU A 483 -20.54 24.00 20.43
C GLU A 483 -21.31 22.71 20.26
N ARG A 484 -21.96 22.24 21.32
CA ARG A 484 -22.68 20.95 21.26
C ARG A 484 -23.93 21.06 20.40
N HIS A 485 -24.66 22.19 20.47
CA HIS A 485 -26.05 22.19 19.96
C HIS A 485 -26.21 23.10 18.74
N LEU A 486 -25.24 23.95 18.36
CA LEU A 486 -25.42 24.74 17.13
C LEU A 486 -25.61 23.80 15.96
N PRO A 487 -26.48 24.13 15.00
CA PRO A 487 -26.72 23.25 13.86
C PRO A 487 -25.53 23.28 12.90
N SER A 488 -25.45 22.21 12.12
CA SER A 488 -24.59 22.16 10.92
C SER A 488 -25.20 23.10 9.88
N VAL A 489 -24.51 23.34 8.79
CA VAL A 489 -25.10 24.16 7.68
C VAL A 489 -26.35 23.45 7.16
N PRO A 490 -26.34 22.15 6.79
CA PRO A 490 -27.57 21.50 6.34
C PRO A 490 -28.65 21.49 7.43
N GLY A 491 -28.27 21.40 8.71
CA GLY A 491 -29.19 21.48 9.86
C GLY A 491 -29.87 22.84 9.86
N LEU A 492 -29.11 23.90 9.59
CA LEU A 492 -29.67 25.26 9.52
C LEU A 492 -30.64 25.37 8.34
N LEU A 493 -30.30 24.78 7.19
CA LEU A 493 -31.12 24.86 5.94
C LEU A 493 -32.41 24.07 6.17
N ARG A 494 -32.33 22.95 6.90
CA ARG A 494 -33.53 22.14 7.24
C ARG A 494 -34.46 23.01 8.10
N LEU A 495 -33.93 23.70 9.11
CA LEU A 495 -34.73 24.61 9.99
C LEU A 495 -35.32 25.78 9.18
N ILE A 496 -34.66 26.24 8.11
CA ILE A 496 -35.19 27.34 7.24
C ILE A 496 -36.33 26.77 6.38
N GLY A 497 -36.12 25.64 5.71
CA GLY A 497 -37.15 24.97 4.90
C GLY A 497 -38.43 24.77 5.68
N LEU A 498 -38.33 24.37 6.95
CA LEU A 498 -39.49 24.04 7.84
C LEU A 498 -40.23 25.33 8.21
N THR A 499 -39.52 26.35 8.71
CA THR A 499 -40.06 27.72 8.87
C THR A 499 -40.59 28.22 7.52
N SER B 2 32.89 -15.55 -5.28
CA SER B 2 31.56 -15.21 -5.90
C SER B 2 31.44 -15.81 -7.32
N ASN B 3 30.20 -16.02 -7.76
CA ASN B 3 29.84 -16.52 -9.11
C ASN B 3 29.71 -15.32 -10.05
N LYS B 4 30.57 -15.21 -11.07
CA LYS B 4 30.69 -13.97 -11.87
C LYS B 4 29.91 -14.17 -13.15
N CYS B 5 29.23 -13.12 -13.61
CA CYS B 5 28.46 -13.20 -14.85
C CYS B 5 28.28 -11.79 -15.40
N ASP B 6 27.66 -11.65 -16.54
CA ASP B 6 27.36 -10.34 -17.15
C ASP B 6 26.13 -9.71 -16.48
N VAL B 7 25.04 -10.47 -16.35
CA VAL B 7 23.76 -9.93 -15.81
C VAL B 7 23.13 -10.97 -14.90
N VAL B 8 22.79 -10.55 -13.71
CA VAL B 8 21.93 -11.30 -12.80
C VAL B 8 20.49 -10.84 -13.04
N VAL B 9 19.63 -11.81 -13.27
CA VAL B 9 18.18 -11.56 -13.34
C VAL B 9 17.59 -12.09 -12.06
N VAL B 10 16.91 -11.18 -11.32
CA VAL B 10 16.21 -11.58 -10.08
C VAL B 10 14.76 -11.93 -10.44
N GLY B 11 14.43 -13.18 -10.31
CA GLY B 11 13.10 -13.69 -10.61
C GLY B 11 13.04 -14.45 -11.91
N GLY B 12 12.55 -15.67 -11.81
CA GLY B 12 12.34 -16.60 -12.93
C GLY B 12 10.89 -16.80 -13.33
N GLY B 13 10.11 -15.72 -13.32
CA GLY B 13 8.81 -15.74 -14.02
C GLY B 13 9.02 -15.48 -15.49
N ILE B 14 7.93 -15.26 -16.19
CA ILE B 14 8.02 -15.01 -17.64
C ILE B 14 8.92 -13.80 -17.89
N SER B 15 8.79 -12.75 -17.14
CA SER B 15 9.52 -11.51 -17.48
C SER B 15 11.02 -11.78 -17.32
N GLY B 16 11.45 -12.33 -16.21
CA GLY B 16 12.88 -12.58 -15.99
C GLY B 16 13.40 -13.62 -16.96
N MET B 17 12.61 -14.65 -17.26
CA MET B 17 13.06 -15.64 -18.24
C MET B 17 13.16 -14.99 -19.60
N ALA B 18 12.22 -14.17 -20.02
CA ALA B 18 12.29 -13.51 -21.35
C ALA B 18 13.51 -12.62 -21.41
N ALA B 19 13.79 -11.89 -20.35
CA ALA B 19 14.97 -11.02 -20.28
C ALA B 19 16.23 -11.89 -20.37
N ALA B 20 16.33 -12.94 -19.59
CA ALA B 20 17.55 -13.78 -19.54
C ALA B 20 17.72 -14.42 -20.90
N LYS B 21 16.66 -14.89 -21.55
CA LYS B 21 16.80 -15.52 -22.89
C LYS B 21 17.36 -14.51 -23.89
N LEU B 22 16.84 -13.29 -23.89
CA LEU B 22 17.31 -12.27 -24.88
C LEU B 22 18.78 -11.99 -24.63
N LEU B 23 19.20 -11.86 -23.40
CA LEU B 23 20.62 -11.52 -23.11
C LEU B 23 21.49 -12.72 -23.46
N HIS B 24 21.05 -13.94 -23.14
CA HIS B 24 21.78 -15.20 -23.48
C HIS B 24 21.94 -15.31 -24.98
N ASP B 25 20.90 -15.05 -25.73
CA ASP B 25 20.90 -15.12 -27.20
C ASP B 25 21.86 -14.08 -27.79
N SER B 26 22.09 -12.98 -27.11
CA SER B 26 23.02 -11.91 -27.55
CA SER B 26 23.03 -11.94 -27.59
C SER B 26 24.46 -12.29 -27.17
N GLY B 27 24.68 -13.39 -26.46
CA GLY B 27 26.05 -13.85 -26.13
C GLY B 27 26.49 -13.45 -24.74
N LEU B 28 25.62 -12.88 -23.89
CA LEU B 28 26.02 -12.54 -22.52
C LEU B 28 25.83 -13.74 -21.61
N ASN B 29 26.61 -13.78 -20.55
CA ASN B 29 26.53 -14.79 -19.47
C ASN B 29 25.49 -14.28 -18.45
N VAL B 30 24.38 -15.00 -18.37
CA VAL B 30 23.26 -14.61 -17.47
C VAL B 30 23.11 -15.63 -16.38
N VAL B 31 22.67 -15.19 -15.22
CA VAL B 31 22.22 -16.05 -14.13
C VAL B 31 20.82 -15.60 -13.74
N VAL B 32 19.93 -16.55 -13.55
CA VAL B 32 18.57 -16.21 -13.04
C VAL B 32 18.53 -16.72 -11.64
N LEU B 33 18.27 -15.84 -10.68
CA LEU B 33 18.11 -16.22 -9.27
C LEU B 33 16.62 -16.27 -8.95
N GLU B 34 16.14 -17.44 -8.65
CA GLU B 34 14.68 -17.65 -8.46
C GLU B 34 14.46 -18.10 -7.02
N ALA B 35 13.58 -17.44 -6.28
CA ALA B 35 13.36 -17.68 -4.87
C ALA B 35 12.77 -19.08 -4.67
N ARG B 36 11.80 -19.45 -5.50
CA ARG B 36 11.07 -20.73 -5.30
C ARG B 36 11.88 -21.93 -5.78
N ASP B 37 11.34 -23.09 -5.49
CA ASP B 37 11.82 -24.37 -6.04
C ASP B 37 11.26 -24.62 -7.43
N ARG B 38 10.66 -23.62 -8.09
CA ARG B 38 10.13 -23.77 -9.44
C ARG B 38 10.25 -22.41 -10.15
N VAL B 39 10.18 -22.45 -11.46
CA VAL B 39 10.05 -21.24 -12.27
C VAL B 39 8.58 -20.98 -12.56
N GLY B 40 8.32 -19.84 -13.16
CA GLY B 40 6.99 -19.48 -13.65
C GLY B 40 6.28 -18.42 -12.81
N GLY B 41 6.54 -18.34 -11.53
CA GLY B 41 6.02 -17.21 -10.72
C GLY B 41 4.48 -17.24 -10.64
N ARG B 42 3.83 -16.20 -11.18
CA ARG B 42 2.36 -16.10 -11.17
C ARG B 42 1.75 -16.98 -12.27
N THR B 43 2.56 -17.69 -13.05
CA THR B 43 2.12 -18.86 -13.81
C THR B 43 2.56 -20.13 -13.11
N TYR B 44 1.67 -21.11 -13.10
CA TYR B 44 1.94 -22.40 -12.44
C TYR B 44 1.05 -23.43 -13.11
N THR B 45 1.63 -24.41 -13.79
CA THR B 45 0.88 -25.48 -14.45
C THR B 45 1.10 -26.74 -13.63
N LEU B 46 0.05 -27.25 -13.01
CA LEU B 46 0.10 -28.53 -12.27
C LEU B 46 -0.28 -29.67 -13.20
N ARG B 47 0.47 -30.78 -13.19
CA ARG B 47 0.12 -31.98 -13.93
C ARG B 47 -0.23 -33.11 -12.97
N ASN B 48 -1.31 -33.83 -13.28
CA ASN B 48 -1.63 -35.11 -12.63
C ASN B 48 -2.59 -35.85 -13.51
N GLN B 49 -2.83 -37.12 -13.21
CA GLN B 49 -3.66 -37.95 -14.09
C GLN B 49 -5.12 -37.45 -14.15
N LYS B 50 -5.58 -36.83 -13.07
CA LYS B 50 -7.00 -36.42 -13.05
C LYS B 50 -7.26 -35.23 -13.95
N VAL B 51 -6.28 -34.33 -14.11
CA VAL B 51 -6.50 -33.09 -14.90
C VAL B 51 -5.69 -33.07 -16.19
N LYS B 52 -4.71 -33.98 -16.30
CA LYS B 52 -3.59 -33.97 -17.29
C LYS B 52 -2.67 -32.79 -16.98
N TYR B 53 -3.16 -31.58 -17.23
CA TYR B 53 -2.47 -30.33 -16.84
C TYR B 53 -3.52 -29.30 -16.56
N VAL B 54 -3.18 -28.38 -15.67
CA VAL B 54 -4.11 -27.25 -15.40
C VAL B 54 -3.29 -26.01 -15.05
N ASP B 55 -3.69 -24.89 -15.63
CA ASP B 55 -3.12 -23.58 -15.23
C ASP B 55 -3.77 -23.10 -13.93
N LEU B 56 -3.01 -22.97 -12.90
CA LEU B 56 -3.53 -22.49 -11.60
C LEU B 56 -3.19 -21.00 -11.44
N GLY B 57 -2.32 -20.44 -12.29
CA GLY B 57 -2.08 -19.01 -12.38
C GLY B 57 -2.50 -18.47 -13.72
N GLY B 58 -1.71 -17.58 -14.28
CA GLY B 58 -1.99 -16.97 -15.58
C GLY B 58 -2.15 -18.03 -16.63
N SER B 59 -3.14 -17.86 -17.49
CA SER B 59 -3.49 -18.89 -18.51
C SER B 59 -3.85 -18.31 -19.87
N TYR B 60 -4.65 -17.28 -19.93
CA TYR B 60 -5.27 -16.86 -21.19
C TYR B 60 -4.31 -15.94 -21.94
N VAL B 61 -4.38 -16.10 -23.24
CA VAL B 61 -3.72 -15.20 -24.20
C VAL B 61 -4.73 -14.92 -25.30
N GLY B 62 -4.49 -13.87 -26.05
CA GLY B 62 -5.39 -13.51 -27.14
C GLY B 62 -4.81 -12.51 -28.09
N PRO B 63 -5.63 -12.17 -29.10
CA PRO B 63 -5.18 -11.22 -30.12
C PRO B 63 -4.68 -9.93 -29.52
N THR B 64 -3.63 -9.42 -30.15
CA THR B 64 -2.85 -8.21 -29.81
C THR B 64 -1.76 -8.50 -28.78
N GLN B 65 -1.68 -9.72 -28.27
CA GLN B 65 -0.64 -10.13 -27.31
C GLN B 65 0.43 -10.84 -28.13
N ASN B 66 1.08 -10.08 -29.00
CA ASN B 66 1.95 -10.69 -30.01
C ASN B 66 3.27 -11.18 -29.43
N ARG B 67 3.78 -10.58 -28.38
CA ARG B 67 5.07 -10.96 -27.80
C ARG B 67 5.02 -12.33 -27.12
N ILE B 68 4.04 -12.53 -26.25
CA ILE B 68 3.91 -13.85 -25.57
C ILE B 68 3.60 -14.90 -26.63
N LEU B 69 2.81 -14.58 -27.63
CA LEU B 69 2.53 -15.56 -28.68
C LEU B 69 3.81 -15.92 -29.45
N ARG B 70 4.62 -14.95 -29.76
CA ARG B 70 5.87 -15.23 -30.53
C ARG B 70 6.85 -16.01 -29.67
N LEU B 71 7.06 -15.64 -28.43
CA LEU B 71 7.96 -16.34 -27.51
C LEU B 71 7.50 -17.76 -27.34
N ALA B 72 6.21 -17.95 -27.05
CA ALA B 72 5.68 -19.31 -26.88
C ALA B 72 5.85 -20.14 -28.17
N LYS B 73 5.56 -19.56 -29.32
CA LYS B 73 5.69 -20.31 -30.58
C LYS B 73 7.16 -20.73 -30.77
N GLU B 74 8.10 -19.85 -30.47
CA GLU B 74 9.53 -20.17 -30.63
C GLU B 74 9.94 -21.31 -29.72
N LEU B 75 9.34 -21.43 -28.54
CA LEU B 75 9.59 -22.50 -27.55
C LEU B 75 8.83 -23.77 -27.90
N GLY B 76 8.04 -23.77 -28.95
CA GLY B 76 7.35 -24.99 -29.43
C GLY B 76 5.95 -25.14 -28.91
N LEU B 77 5.36 -24.11 -28.37
CA LEU B 77 3.99 -24.17 -27.83
C LEU B 77 2.94 -23.83 -28.89
N GLU B 78 1.73 -24.32 -28.64
CA GLU B 78 0.53 -24.09 -29.48
C GLU B 78 -0.58 -23.57 -28.55
N THR B 79 -1.51 -22.87 -29.15
CA THR B 79 -2.72 -22.45 -28.43
C THR B 79 -3.91 -23.24 -28.91
N TYR B 80 -4.96 -23.17 -28.11
CA TYR B 80 -6.30 -23.62 -28.50
C TYR B 80 -7.29 -22.61 -27.97
N LYS B 81 -8.45 -22.57 -28.60
CA LYS B 81 -9.47 -21.56 -28.28
C LYS B 81 -10.32 -22.01 -27.13
N VAL B 82 -10.47 -21.09 -26.18
CA VAL B 82 -11.43 -21.23 -25.06
C VAL B 82 -12.83 -21.38 -25.66
N ASN B 83 -13.63 -22.32 -25.13
CA ASN B 83 -14.92 -22.63 -25.74
C ASN B 83 -15.86 -21.43 -25.58
N GLU B 84 -16.30 -20.86 -26.66
CA GLU B 84 -17.33 -19.80 -26.65
C GLU B 84 -18.33 -20.08 -27.80
N VAL B 85 -18.52 -21.33 -28.15
CA VAL B 85 -19.47 -21.63 -29.26
C VAL B 85 -20.93 -21.36 -28.88
N GLU B 86 -21.31 -21.75 -27.68
CA GLU B 86 -22.71 -21.68 -27.23
C GLU B 86 -22.91 -20.38 -26.46
N ARG B 87 -24.04 -20.29 -25.73
CA ARG B 87 -24.47 -19.02 -25.11
C ARG B 87 -23.70 -18.78 -23.81
N LEU B 88 -23.38 -17.53 -23.58
CA LEU B 88 -22.93 -17.04 -22.27
C LEU B 88 -24.13 -16.90 -21.35
N ILE B 89 -23.88 -16.85 -20.06
CA ILE B 89 -24.98 -16.60 -19.10
C ILE B 89 -24.68 -15.37 -18.26
N HIS B 90 -25.69 -14.51 -18.09
CA HIS B 90 -25.67 -13.46 -17.06
C HIS B 90 -26.69 -13.87 -16.01
N HIS B 91 -26.26 -14.10 -14.78
CA HIS B 91 -27.12 -14.52 -13.66
C HIS B 91 -27.40 -13.28 -12.81
N VAL B 92 -28.66 -12.86 -12.81
CA VAL B 92 -29.12 -11.55 -12.26
C VAL B 92 -30.29 -11.88 -11.36
N LYS B 93 -30.21 -11.36 -10.14
CA LYS B 93 -31.33 -11.49 -9.17
C LYS B 93 -31.87 -12.92 -9.20
N GLY B 94 -30.96 -13.91 -9.12
CA GLY B 94 -31.33 -15.32 -8.97
C GLY B 94 -31.89 -15.99 -10.23
N LYS B 95 -31.70 -15.43 -11.43
CA LYS B 95 -32.13 -16.08 -12.67
C LYS B 95 -31.02 -15.93 -13.72
N SER B 96 -30.91 -16.95 -14.54
CA SER B 96 -29.92 -17.01 -15.63
C SER B 96 -30.56 -16.44 -16.90
N TYR B 97 -29.83 -15.54 -17.54
CA TYR B 97 -30.24 -14.96 -18.81
C TYR B 97 -29.16 -15.28 -19.85
N PRO B 98 -29.42 -16.23 -20.75
CA PRO B 98 -28.41 -16.58 -21.75
C PRO B 98 -28.30 -15.47 -22.80
N PHE B 99 -27.11 -15.28 -23.33
CA PHE B 99 -26.90 -14.29 -24.39
C PHE B 99 -25.71 -14.66 -25.26
N ARG B 100 -25.56 -13.92 -26.36
CA ARG B 100 -24.41 -14.04 -27.28
C ARG B 100 -23.72 -12.69 -27.42
N GLY B 101 -22.47 -12.71 -27.86
CA GLY B 101 -21.69 -11.49 -27.98
C GLY B 101 -21.06 -11.21 -26.63
N PRO B 102 -20.14 -10.24 -26.59
CA PRO B 102 -19.27 -10.08 -25.43
C PRO B 102 -19.97 -9.45 -24.24
N PHE B 103 -21.08 -8.75 -24.46
CA PHE B 103 -21.67 -7.86 -23.44
C PHE B 103 -23.03 -8.39 -23.06
N PRO B 104 -23.37 -8.52 -21.77
CA PRO B 104 -24.71 -8.96 -21.40
C PRO B 104 -25.72 -7.91 -21.82
N PRO B 105 -26.79 -8.32 -22.49
CA PRO B 105 -27.86 -7.39 -22.87
C PRO B 105 -28.68 -6.86 -21.68
N VAL B 106 -29.20 -5.67 -21.92
CA VAL B 106 -30.08 -4.92 -20.99
C VAL B 106 -31.31 -4.54 -21.82
N TRP B 107 -32.48 -4.68 -21.23
CA TRP B 107 -33.77 -4.49 -21.95
C TRP B 107 -34.47 -3.20 -21.51
N ASN B 108 -34.33 -2.81 -20.26
CA ASN B 108 -34.95 -1.56 -19.76
C ASN B 108 -34.26 -0.39 -20.43
N PRO B 109 -34.98 0.58 -21.07
CA PRO B 109 -34.34 1.62 -21.87
C PRO B 109 -33.41 2.52 -21.05
N ILE B 110 -33.78 2.81 -19.83
CA ILE B 110 -32.95 3.68 -18.95
C ILE B 110 -31.68 2.91 -18.58
N THR B 111 -31.85 1.69 -18.15
CA THR B 111 -30.71 0.83 -17.80
C THR B 111 -29.84 0.65 -19.04
N TYR B 112 -30.42 0.49 -20.24
CA TYR B 112 -29.60 0.33 -21.48
C TYR B 112 -28.72 1.58 -21.65
N LEU B 113 -29.28 2.78 -21.56
CA LEU B 113 -28.49 4.02 -21.76
C LEU B 113 -27.37 4.07 -20.72
N ASP B 114 -27.69 3.69 -19.49
CA ASP B 114 -26.73 3.80 -18.36
C ASP B 114 -25.58 2.82 -18.62
N HIS B 115 -25.88 1.59 -18.97
CA HIS B 115 -24.82 0.59 -19.24
C HIS B 115 -23.99 1.03 -20.43
N ASN B 116 -24.64 1.41 -21.51
CA ASN B 116 -23.94 1.82 -22.72
C ASN B 116 -22.97 2.99 -22.41
N ASN B 117 -23.45 3.97 -21.67
CA ASN B 117 -22.66 5.15 -21.33
C ASN B 117 -21.46 4.75 -20.44
N PHE B 118 -21.63 3.80 -19.55
CA PHE B 118 -20.55 3.46 -18.59
C PHE B 118 -19.34 2.95 -19.36
N TRP B 119 -19.53 1.94 -20.18
CA TRP B 119 -18.43 1.31 -20.98
CA TRP B 119 -18.33 1.34 -20.82
C TRP B 119 -17.81 2.32 -21.90
N ARG B 120 -18.69 3.05 -22.59
CA ARG B 120 -18.26 4.08 -23.54
C ARG B 120 -17.37 5.11 -22.81
N THR B 121 -17.80 5.54 -21.65
CA THR B 121 -17.08 6.59 -20.91
C THR B 121 -15.74 6.05 -20.43
N MET B 122 -15.64 4.81 -20.04
CA MET B 122 -14.33 4.22 -19.65
CA MET B 122 -14.33 4.21 -19.64
C MET B 122 -13.37 4.38 -20.82
N ASP B 123 -13.84 4.08 -22.02
CA ASP B 123 -12.97 4.16 -23.21
C ASP B 123 -12.69 5.61 -23.59
N ASP B 124 -13.68 6.48 -23.49
CA ASP B 124 -13.43 7.90 -23.83
C ASP B 124 -12.35 8.46 -22.89
N MET B 125 -12.45 8.16 -21.60
CA MET B 125 -11.46 8.66 -20.64
C MET B 125 -10.10 8.08 -20.97
N GLY B 126 -10.05 6.78 -21.34
CA GLY B 126 -8.79 6.13 -21.69
C GLY B 126 -8.06 6.80 -22.84
N ARG B 127 -8.79 7.39 -23.78
CA ARG B 127 -8.13 7.98 -24.95
C ARG B 127 -7.22 9.16 -24.55
N GLU B 128 -7.40 9.72 -23.36
CA GLU B 128 -6.59 10.85 -22.88
C GLU B 128 -5.47 10.37 -22.00
N ILE B 129 -5.28 9.06 -21.85
CA ILE B 129 -4.26 8.54 -20.90
C ILE B 129 -3.13 7.90 -21.67
N PRO B 130 -1.94 8.48 -21.75
CA PRO B 130 -0.85 7.84 -22.47
C PRO B 130 -0.47 6.49 -21.86
N SER B 131 -0.37 5.47 -22.69
CA SER B 131 0.00 4.12 -22.19
C SER B 131 1.32 4.15 -21.44
N ASP B 132 2.30 4.86 -21.98
CA ASP B 132 3.65 4.89 -21.38
C ASP B 132 3.86 5.96 -20.33
N ALA B 133 2.80 6.66 -19.94
CA ALA B 133 2.94 7.75 -18.96
C ALA B 133 1.55 8.18 -18.52
N PRO B 134 0.81 7.37 -17.78
CA PRO B 134 -0.56 7.72 -17.43
C PRO B 134 -0.62 9.00 -16.59
N TRP B 135 0.43 9.30 -15.86
CA TRP B 135 0.58 10.53 -15.01
C TRP B 135 0.57 11.78 -15.89
N LYS B 136 0.69 11.62 -17.21
CA LYS B 136 0.63 12.75 -18.18
C LYS B 136 -0.79 12.98 -18.69
N ALA B 137 -1.76 12.22 -18.27
CA ALA B 137 -3.14 12.50 -18.68
C ALA B 137 -3.48 13.92 -18.26
N PRO B 138 -4.25 14.63 -19.10
CA PRO B 138 -4.61 16.00 -18.74
C PRO B 138 -5.29 16.11 -17.38
N LEU B 139 -6.12 15.15 -17.00
CA LEU B 139 -6.83 15.16 -15.70
C LEU B 139 -6.18 14.14 -14.75
N ALA B 140 -4.89 13.91 -14.92
CA ALA B 140 -4.25 12.84 -14.12
C ALA B 140 -4.54 12.97 -12.62
N GLU B 141 -4.29 14.13 -12.02
CA GLU B 141 -4.46 14.33 -10.59
C GLU B 141 -5.92 14.11 -10.23
N GLU B 142 -6.84 14.77 -10.89
CA GLU B 142 -8.26 14.62 -10.58
C GLU B 142 -8.67 13.14 -10.60
N TRP B 143 -8.26 12.43 -11.63
CA TRP B 143 -8.67 11.02 -11.77
C TRP B 143 -7.91 10.15 -10.76
N ASP B 144 -6.65 10.47 -10.46
CA ASP B 144 -5.86 9.66 -9.50
C ASP B 144 -6.39 9.82 -8.09
N ASN B 145 -7.02 10.94 -7.77
CA ASN B 145 -7.40 11.29 -6.37
C ASN B 145 -8.78 10.78 -6.07
N MET B 146 -9.39 10.05 -6.98
CA MET B 146 -10.67 9.40 -6.70
CA MET B 146 -10.71 9.40 -6.89
C MET B 146 -10.51 7.90 -6.91
N THR B 147 -11.28 7.13 -6.17
CA THR B 147 -11.33 5.67 -6.38
C THR B 147 -12.29 5.33 -7.52
N MET B 148 -12.18 4.12 -8.03
CA MET B 148 -13.18 3.66 -8.99
C MET B 148 -14.56 3.62 -8.37
N LYS B 149 -14.69 3.41 -7.07
CA LYS B 149 -16.04 3.48 -6.45
C LYS B 149 -16.60 4.88 -6.62
N GLU B 150 -15.83 5.91 -6.39
CA GLU B 150 -16.34 7.28 -6.57
C GLU B 150 -16.69 7.52 -8.04
N LEU B 151 -15.90 7.03 -8.95
CA LEU B 151 -16.21 7.29 -10.39
C LEU B 151 -17.50 6.54 -10.74
N LEU B 152 -17.66 5.29 -10.38
CA LEU B 152 -18.88 4.50 -10.67
C LEU B 152 -20.08 5.18 -10.00
N ASP B 153 -19.91 5.71 -8.80
CA ASP B 153 -21.05 6.37 -8.12
C ASP B 153 -21.47 7.60 -8.90
N LYS B 154 -20.54 8.32 -9.52
CA LYS B 154 -20.83 9.53 -10.33
C LYS B 154 -21.50 9.09 -11.64
N LEU B 155 -20.97 8.07 -12.33
CA LEU B 155 -21.38 7.78 -13.73
C LEU B 155 -22.66 6.97 -13.78
N CYS B 156 -22.86 6.04 -12.88
CA CYS B 156 -23.94 5.05 -12.98
C CYS B 156 -25.19 5.58 -12.30
N TRP B 157 -26.22 5.81 -13.10
CA TRP B 157 -27.54 6.27 -12.56
C TRP B 157 -28.42 5.11 -12.16
N THR B 158 -28.07 3.87 -12.51
CA THR B 158 -28.82 2.65 -12.19
C THR B 158 -27.97 1.76 -11.31
N GLU B 159 -28.63 1.02 -10.46
CA GLU B 159 -27.99 -0.03 -9.62
C GLU B 159 -27.47 -1.12 -10.52
N SER B 160 -28.21 -1.51 -11.55
CA SER B 160 -27.85 -2.55 -12.52
C SER B 160 -26.45 -2.20 -13.04
N ALA B 161 -26.26 -1.01 -13.57
CA ALA B 161 -24.99 -0.62 -14.20
C ALA B 161 -23.93 -0.63 -13.10
N LYS B 162 -24.25 -0.11 -11.94
CA LYS B 162 -23.23 0.00 -10.87
C LYS B 162 -22.75 -1.40 -10.46
N GLN B 163 -23.63 -2.37 -10.37
CA GLN B 163 -23.26 -3.73 -9.93
C GLN B 163 -22.40 -4.37 -11.02
N LEU B 164 -22.77 -4.23 -12.28
CA LEU B 164 -22.00 -4.90 -13.36
C LEU B 164 -20.66 -4.18 -13.52
N ALA B 165 -20.60 -2.88 -13.35
CA ALA B 165 -19.33 -2.15 -13.41
C ALA B 165 -18.45 -2.59 -12.25
N THR B 166 -19.05 -2.84 -11.11
CA THR B 166 -18.30 -3.29 -9.93
C THR B 166 -17.68 -4.66 -10.24
N LEU B 167 -18.50 -5.58 -10.77
CA LEU B 167 -18.02 -6.93 -11.15
C LEU B 167 -16.85 -6.77 -12.12
N PHE B 168 -17.01 -5.92 -13.12
CA PHE B 168 -15.97 -5.68 -14.14
C PHE B 168 -14.67 -5.28 -13.46
N VAL B 169 -14.71 -4.32 -12.56
CA VAL B 169 -13.47 -3.89 -11.86
C VAL B 169 -12.91 -5.05 -11.06
N ASN B 170 -13.74 -5.72 -10.29
CA ASN B 170 -13.27 -6.79 -9.41
C ASN B 170 -12.61 -7.87 -10.26
N LEU B 171 -13.21 -8.23 -11.38
CA LEU B 171 -12.69 -9.30 -12.25
C LEU B 171 -11.43 -8.86 -12.96
N CYS B 172 -11.33 -7.63 -13.39
CA CYS B 172 -10.17 -7.20 -14.17
CA CYS B 172 -10.18 -7.15 -14.17
C CYS B 172 -8.94 -7.11 -13.26
N VAL B 173 -9.11 -6.65 -12.03
CA VAL B 173 -7.93 -6.24 -11.19
C VAL B 173 -7.97 -6.83 -9.78
N THR B 174 -8.82 -7.82 -9.54
CA THR B 174 -8.87 -8.55 -8.27
C THR B 174 -8.82 -7.62 -7.06
N ALA B 175 -9.57 -6.52 -7.17
CA ALA B 175 -9.56 -5.51 -6.11
C ALA B 175 -10.93 -4.87 -6.08
N GLU B 176 -11.28 -4.29 -4.94
CA GLU B 176 -12.55 -3.61 -4.79
C GLU B 176 -12.48 -2.26 -5.46
N THR B 177 -13.63 -1.73 -5.91
CA THR B 177 -13.69 -0.43 -6.57
C THR B 177 -13.15 0.66 -5.63
N HIS B 178 -13.36 0.53 -4.34
CA HIS B 178 -12.92 1.58 -3.41
C HIS B 178 -11.44 1.42 -3.07
N GLU B 179 -10.74 0.36 -3.50
CA GLU B 179 -9.33 0.17 -3.20
C GLU B 179 -8.44 0.84 -4.23
N VAL B 180 -8.95 1.06 -5.44
CA VAL B 180 -8.08 1.40 -6.60
C VAL B 180 -8.32 2.83 -7.10
N SER B 181 -7.27 3.45 -7.54
CA SER B 181 -7.32 4.73 -8.30
C SER B 181 -8.13 4.60 -9.58
N ALA B 182 -8.97 5.59 -9.86
CA ALA B 182 -9.66 5.67 -11.14
C ALA B 182 -8.65 5.86 -12.28
N LEU B 183 -7.69 6.75 -12.12
CA LEU B 183 -6.69 6.93 -13.20
C LEU B 183 -6.00 5.61 -13.48
N TRP B 184 -5.56 4.90 -12.46
CA TRP B 184 -4.81 3.66 -12.69
C TRP B 184 -5.72 2.65 -13.40
N PHE B 185 -6.95 2.52 -12.95
CA PHE B 185 -7.83 1.51 -13.51
C PHE B 185 -8.10 1.85 -14.98
N LEU B 186 -8.39 3.10 -15.27
CA LEU B 186 -8.67 3.57 -16.63
C LEU B 186 -7.44 3.36 -17.52
N TRP B 187 -6.28 3.61 -16.98
CA TRP B 187 -5.00 3.30 -17.69
C TRP B 187 -4.97 1.81 -17.99
N TYR B 188 -5.25 1.02 -16.96
CA TYR B 188 -5.09 -0.45 -17.09
C TYR B 188 -5.94 -0.98 -18.22
N VAL B 189 -7.18 -0.54 -18.29
CA VAL B 189 -8.09 -0.98 -19.39
C VAL B 189 -7.56 -0.48 -20.70
N LYS B 190 -7.20 0.79 -20.80
CA LYS B 190 -6.82 1.38 -22.08
C LYS B 190 -5.57 0.69 -22.63
N GLN B 191 -4.63 0.30 -21.75
CA GLN B 191 -3.37 -0.30 -22.19
C GLN B 191 -3.52 -1.78 -22.54
N CYS B 192 -4.73 -2.31 -22.38
CA CYS B 192 -5.08 -3.64 -22.89
C CYS B 192 -5.88 -3.50 -24.19
N GLY B 193 -6.07 -2.29 -24.68
CA GLY B 193 -6.83 -2.07 -25.92
C GLY B 193 -8.25 -1.65 -25.70
N GLY B 194 -8.67 -1.38 -24.47
CA GLY B 194 -10.01 -0.90 -24.15
C GLY B 194 -10.98 -1.95 -23.68
N THR B 195 -12.21 -1.56 -23.41
CA THR B 195 -13.14 -2.40 -22.70
C THR B 195 -13.47 -3.65 -23.50
N THR B 196 -13.78 -3.52 -24.77
CA THR B 196 -14.18 -4.71 -25.54
C THR B 196 -13.03 -5.71 -25.57
N ARG B 197 -11.84 -5.22 -25.86
CA ARG B 197 -10.67 -6.09 -26.00
C ARG B 197 -10.43 -6.81 -24.67
N ILE B 198 -10.49 -6.11 -23.53
CA ILE B 198 -10.12 -6.72 -22.24
C ILE B 198 -11.19 -7.73 -21.83
N ILE B 199 -12.46 -7.51 -22.14
CA ILE B 199 -13.53 -8.38 -21.57
C ILE B 199 -13.80 -9.56 -22.47
N SER B 200 -13.36 -9.51 -23.71
CA SER B 200 -13.79 -10.49 -24.73
C SER B 200 -13.02 -11.79 -24.61
N THR B 201 -13.71 -12.90 -24.88
CA THR B 201 -13.11 -14.22 -25.11
C THR B 201 -12.80 -14.23 -26.59
N THR B 202 -13.80 -14.43 -27.44
CA THR B 202 -13.52 -14.33 -28.87
C THR B 202 -13.03 -12.91 -29.21
N ASN B 203 -11.86 -12.78 -29.83
CA ASN B 203 -11.27 -11.52 -30.26
C ASN B 203 -10.82 -10.70 -29.05
N GLY B 204 -10.52 -11.32 -27.90
CA GLY B 204 -10.03 -10.54 -26.78
C GLY B 204 -9.04 -11.28 -25.93
N GLY B 205 -8.79 -10.79 -24.76
CA GLY B 205 -7.72 -11.35 -23.90
C GLY B 205 -7.96 -12.78 -23.49
N GLN B 206 -9.21 -13.29 -23.46
CA GLN B 206 -9.46 -14.66 -22.99
C GLN B 206 -9.67 -15.60 -24.17
N GLU B 207 -9.17 -15.30 -25.35
CA GLU B 207 -9.55 -16.13 -26.50
C GLU B 207 -8.89 -17.51 -26.41
N ARG B 208 -7.66 -17.61 -25.89
CA ARG B 208 -6.90 -18.85 -26.04
C ARG B 208 -6.21 -19.21 -24.74
N LYS B 209 -5.78 -20.47 -24.70
CA LYS B 209 -4.87 -21.00 -23.69
C LYS B 209 -3.77 -21.77 -24.42
N PHE B 210 -2.69 -21.99 -23.72
CA PHE B 210 -1.59 -22.83 -24.27
C PHE B 210 -1.90 -24.30 -24.05
N VAL B 211 -1.76 -25.07 -25.12
CA VAL B 211 -1.78 -26.54 -25.01
C VAL B 211 -0.68 -26.97 -24.04
N GLY B 212 -0.98 -27.69 -22.97
CA GLY B 212 -0.05 -28.19 -21.97
C GLY B 212 0.28 -27.20 -20.85
N GLY B 213 -0.26 -25.96 -20.92
CA GLY B 213 -0.15 -25.01 -19.84
C GLY B 213 0.83 -23.89 -20.06
N SER B 214 0.56 -22.74 -19.50
CA SER B 214 1.42 -21.55 -19.66
C SER B 214 2.75 -21.70 -18.92
N GLY B 215 2.82 -22.54 -17.88
CA GLY B 215 4.07 -22.78 -17.15
C GLY B 215 5.18 -23.20 -18.08
N GLN B 216 4.82 -23.84 -19.19
CA GLN B 216 5.82 -24.29 -20.18
C GLN B 216 6.63 -23.12 -20.68
N VAL B 217 6.13 -21.91 -20.72
CA VAL B 217 6.98 -20.80 -21.25
C VAL B 217 8.20 -20.69 -20.35
N SER B 218 8.01 -20.54 -19.04
CA SER B 218 9.13 -20.39 -18.09
C SER B 218 9.95 -21.68 -18.01
N GLU B 219 9.29 -22.82 -18.03
CA GLU B 219 10.00 -24.13 -17.90
C GLU B 219 10.92 -24.28 -19.12
N ARG B 220 10.42 -23.98 -20.30
CA ARG B 220 11.22 -24.24 -21.52
C ARG B 220 12.36 -23.24 -21.60
N ILE B 221 12.23 -22.02 -21.08
CA ILE B 221 13.41 -21.13 -21.06
C ILE B 221 14.37 -21.67 -20.00
N MET B 222 13.94 -22.15 -18.86
CA MET B 222 14.85 -22.80 -17.92
C MET B 222 15.55 -23.99 -18.61
N ASP B 223 14.85 -24.73 -19.44
CA ASP B 223 15.45 -25.90 -20.17
C ASP B 223 16.58 -25.31 -21.02
N LEU B 224 16.35 -24.22 -21.73
CA LEU B 224 17.44 -23.66 -22.56
C LEU B 224 18.61 -23.23 -21.68
N LEU B 225 18.35 -22.58 -20.56
CA LEU B 225 19.46 -21.90 -19.84
C LEU B 225 20.23 -22.89 -18.99
N GLY B 226 19.64 -24.04 -18.64
CA GLY B 226 20.29 -25.06 -17.79
C GLY B 226 20.59 -24.56 -16.39
N ASP B 227 21.82 -24.76 -15.96
CA ASP B 227 22.25 -24.45 -14.58
C ASP B 227 22.55 -22.96 -14.42
N ARG B 228 22.25 -22.16 -15.43
CA ARG B 228 22.24 -20.69 -15.28
C ARG B 228 21.04 -20.30 -14.40
N VAL B 229 20.00 -21.14 -14.30
CA VAL B 229 18.84 -20.88 -13.45
C VAL B 229 19.12 -21.51 -12.09
N LYS B 230 19.06 -20.71 -11.05
CA LYS B 230 19.38 -21.14 -9.69
C LYS B 230 18.05 -21.13 -8.92
N LEU B 231 17.50 -22.26 -8.59
CA LEU B 231 16.23 -22.35 -7.84
C LEU B 231 16.54 -22.28 -6.36
N GLU B 232 15.58 -21.85 -5.55
CA GLU B 232 15.74 -21.72 -4.09
C GLU B 232 16.90 -20.78 -3.78
N ARG B 233 16.98 -19.69 -4.55
CA ARG B 233 17.94 -18.58 -4.35
C ARG B 233 17.16 -17.28 -4.20
N PRO B 234 16.43 -17.09 -3.09
CA PRO B 234 15.81 -15.79 -2.84
C PRO B 234 16.91 -14.73 -2.69
N VAL B 235 16.85 -13.64 -3.42
CA VAL B 235 17.79 -12.51 -3.27
C VAL B 235 17.42 -11.74 -2.02
N ILE B 236 18.41 -11.45 -1.19
CA ILE B 236 18.26 -10.72 0.09
C ILE B 236 19.02 -9.38 0.08
N TYR B 237 19.97 -9.18 -0.80
CA TYR B 237 20.90 -8.04 -0.67
C TYR B 237 21.51 -7.75 -2.00
N ILE B 238 21.47 -6.48 -2.35
CA ILE B 238 22.14 -5.99 -3.57
C ILE B 238 23.04 -4.81 -3.18
N ASP B 239 24.31 -4.91 -3.55
CA ASP B 239 25.33 -3.90 -3.20
C ASP B 239 25.88 -3.32 -4.50
N GLN B 240 25.64 -2.04 -4.74
CA GLN B 240 26.16 -1.32 -5.92
C GLN B 240 27.26 -0.30 -5.52
N THR B 241 27.95 -0.54 -4.44
CA THR B 241 29.01 0.41 -4.00
C THR B 241 30.32 0.12 -4.76
N ARG B 242 30.49 -1.03 -5.40
CA ARG B 242 31.81 -1.41 -5.99
C ARG B 242 31.71 -1.45 -7.52
N GLU B 243 32.85 -1.77 -8.15
CA GLU B 243 33.05 -1.86 -9.61
C GLU B 243 31.93 -2.72 -10.23
N ASN B 244 31.72 -3.89 -9.67
CA ASN B 244 30.67 -4.86 -10.12
C ASN B 244 29.58 -4.91 -9.05
N VAL B 245 28.34 -5.19 -9.48
CA VAL B 245 27.17 -5.33 -8.58
C VAL B 245 27.25 -6.67 -7.88
N LEU B 246 27.04 -6.70 -6.58
CA LEU B 246 27.07 -7.92 -5.78
C LEU B 246 25.61 -8.24 -5.45
N VAL B 247 25.19 -9.47 -5.69
CA VAL B 247 23.84 -9.94 -5.36
C VAL B 247 23.96 -11.12 -4.44
N GLU B 248 23.40 -11.06 -3.27
CA GLU B 248 23.50 -12.15 -2.29
C GLU B 248 22.15 -12.83 -2.16
N THR B 249 22.15 -14.13 -1.99
CA THR B 249 20.96 -14.96 -1.76
C THR B 249 20.87 -15.43 -0.30
N LEU B 250 19.67 -15.89 0.09
CA LEU B 250 19.34 -16.30 1.45
C LEU B 250 20.22 -17.49 1.83
N ASN B 251 20.52 -18.37 0.86
CA ASN B 251 21.37 -19.58 1.07
C ASN B 251 22.85 -19.22 0.97
N HIS B 252 23.21 -17.95 1.11
CA HIS B 252 24.56 -17.37 1.42
C HIS B 252 25.44 -17.21 0.16
N GLU B 253 24.93 -17.53 -1.01
CA GLU B 253 25.72 -17.41 -2.23
C GLU B 253 25.81 -15.96 -2.68
N MET B 254 26.93 -15.62 -3.32
CA MET B 254 27.22 -14.26 -3.81
C MET B 254 27.40 -14.36 -5.32
N TYR B 255 26.76 -13.47 -6.03
CA TYR B 255 26.82 -13.31 -7.50
C TYR B 255 27.36 -11.93 -7.79
N GLU B 256 28.25 -11.85 -8.76
CA GLU B 256 28.87 -10.59 -9.20
C GLU B 256 28.52 -10.41 -10.67
N ALA B 257 27.98 -9.27 -11.03
CA ALA B 257 27.52 -8.98 -12.39
C ALA B 257 27.82 -7.53 -12.74
N LYS B 258 27.78 -7.23 -14.02
CA LYS B 258 27.85 -5.86 -14.53
C LYS B 258 26.54 -5.12 -14.31
N TYR B 259 25.43 -5.83 -14.44
CA TYR B 259 24.09 -5.22 -14.32
C TYR B 259 23.16 -6.25 -13.70
N VAL B 260 22.03 -5.72 -13.21
CA VAL B 260 20.96 -6.55 -12.61
C VAL B 260 19.62 -6.19 -13.25
N ILE B 261 18.80 -7.20 -13.52
CA ILE B 261 17.39 -6.96 -13.84
C ILE B 261 16.57 -7.45 -12.66
N SER B 262 15.75 -6.53 -12.13
CA SER B 262 14.75 -6.86 -11.11
C SER B 262 13.46 -7.25 -11.84
N ALA B 263 13.09 -8.54 -11.85
CA ALA B 263 11.94 -9.04 -12.58
C ALA B 263 10.90 -9.57 -11.61
N ILE B 264 10.74 -8.93 -10.46
CA ILE B 264 9.79 -9.31 -9.41
C ILE B 264 8.74 -8.25 -9.27
N PRO B 265 7.59 -8.58 -8.67
CA PRO B 265 6.58 -7.55 -8.49
C PRO B 265 7.18 -6.38 -7.75
N PRO B 266 6.77 -5.16 -8.05
CA PRO B 266 7.43 -4.01 -7.47
C PRO B 266 7.57 -4.08 -5.94
N THR B 267 6.47 -4.37 -5.23
CA THR B 267 6.52 -4.36 -3.76
C THR B 267 7.51 -5.42 -3.23
N LEU B 268 7.73 -6.49 -4.00
CA LEU B 268 8.65 -7.54 -3.48
C LEU B 268 10.09 -7.09 -3.56
N GLY B 269 10.38 -5.93 -4.14
CA GLY B 269 11.66 -5.28 -3.89
C GLY B 269 11.92 -5.01 -2.41
N MET B 270 10.87 -4.95 -1.60
CA MET B 270 11.04 -4.73 -0.14
CA MET B 270 11.07 -4.71 -0.16
C MET B 270 11.83 -5.86 0.50
N LYS B 271 11.83 -7.04 -0.10
CA LYS B 271 12.48 -8.21 0.51
C LYS B 271 13.99 -8.22 0.29
N ILE B 272 14.47 -7.20 -0.39
CA ILE B 272 15.90 -7.01 -0.68
C ILE B 272 16.38 -5.80 0.13
N HIS B 273 17.52 -5.95 0.80
CA HIS B 273 18.21 -4.87 1.51
C HIS B 273 19.21 -4.26 0.54
N PHE B 274 19.19 -2.96 0.33
CA PHE B 274 19.97 -2.27 -0.70
C PHE B 274 21.13 -1.49 -0.06
N ASN B 275 22.27 -1.58 -0.74
CA ASN B 275 23.46 -0.77 -0.41
C ASN B 275 23.99 -0.18 -1.70
N PRO B 276 23.97 1.16 -1.93
CA PRO B 276 23.42 2.11 -0.97
C PRO B 276 21.90 2.01 -0.92
N PRO B 277 21.24 2.71 0.01
CA PRO B 277 19.78 2.68 0.06
C PRO B 277 19.23 3.13 -1.28
N LEU B 278 18.02 2.65 -1.57
CA LEU B 278 17.29 3.12 -2.77
C LEU B 278 17.07 4.61 -2.66
N PRO B 279 16.95 5.27 -3.82
CA PRO B 279 16.50 6.65 -3.84
C PRO B 279 15.13 6.77 -3.13
N MET B 280 14.85 7.91 -2.51
CA MET B 280 13.65 8.16 -1.68
C MET B 280 12.38 7.67 -2.42
N MET B 281 12.22 8.05 -3.68
CA MET B 281 10.93 7.81 -4.33
C MET B 281 10.69 6.32 -4.52
N ARG B 282 11.71 5.57 -4.87
CA ARG B 282 11.54 4.10 -4.99
C ARG B 282 11.39 3.50 -3.60
N ASN B 283 12.14 3.95 -2.62
CA ASN B 283 12.03 3.46 -1.23
C ASN B 283 10.59 3.50 -0.78
N GLN B 284 9.89 4.60 -1.02
CA GLN B 284 8.45 4.69 -0.62
C GLN B 284 7.54 4.01 -1.64
N MET B 285 7.81 4.06 -2.94
CA MET B 285 6.90 3.48 -3.96
CA MET B 285 6.88 3.49 -3.96
C MET B 285 6.64 2.01 -3.64
N ILE B 286 7.70 1.27 -3.27
CA ILE B 286 7.61 -0.19 -3.10
C ILE B 286 6.82 -0.59 -1.85
N THR B 287 6.37 0.38 -1.05
CA THR B 287 5.46 0.16 0.06
C THR B 287 4.04 0.53 -0.30
N ARG B 288 3.78 1.05 -1.51
CA ARG B 288 2.50 1.67 -1.84
C ARG B 288 1.74 0.89 -2.94
N VAL B 289 2.20 -0.30 -3.31
CA VAL B 289 1.78 -0.95 -4.57
C VAL B 289 1.47 -2.42 -4.26
N PRO B 290 0.31 -2.70 -3.65
CA PRO B 290 -0.11 -4.03 -3.35
C PRO B 290 -0.53 -4.81 -4.57
N LEU B 291 -0.55 -6.13 -4.44
CA LEU B 291 -1.21 -6.99 -5.45
C LEU B 291 -2.61 -7.41 -4.99
N GLY B 292 -3.44 -7.76 -5.97
CA GLY B 292 -4.83 -8.12 -5.64
C GLY B 292 -4.96 -9.51 -5.05
N SER B 293 -6.20 -9.91 -4.86
CA SER B 293 -6.55 -11.09 -4.06
C SER B 293 -7.45 -11.99 -4.90
N VAL B 294 -7.06 -13.26 -5.05
CA VAL B 294 -7.85 -14.17 -5.87
C VAL B 294 -7.52 -15.61 -5.50
N ILE B 295 -8.55 -16.42 -5.58
CA ILE B 295 -8.43 -17.90 -5.58
C ILE B 295 -8.93 -18.35 -6.94
N LYS B 296 -8.09 -19.07 -7.67
CA LYS B 296 -8.46 -19.65 -8.97
C LYS B 296 -8.85 -21.10 -8.73
N CYS B 297 -10.06 -21.45 -9.15
CA CYS B 297 -10.72 -22.70 -8.77
C CYS B 297 -11.17 -23.41 -10.04
N ILE B 298 -10.84 -24.71 -10.15
CA ILE B 298 -11.25 -25.48 -11.33
C ILE B 298 -11.97 -26.73 -10.85
N VAL B 299 -13.26 -26.81 -11.26
CA VAL B 299 -14.12 -27.97 -10.88
C VAL B 299 -14.26 -28.83 -12.12
N TYR B 300 -13.96 -30.13 -11.96
CA TYR B 300 -13.94 -31.09 -13.06
C TYR B 300 -15.21 -31.95 -13.04
N TYR B 301 -15.63 -32.30 -14.23
CA TYR B 301 -16.86 -33.11 -14.45
C TYR B 301 -16.58 -34.21 -15.45
N LYS B 302 -17.47 -35.17 -15.49
CA LYS B 302 -17.33 -36.28 -16.45
C LYS B 302 -17.47 -35.80 -17.86
N GLU B 303 -18.32 -34.82 -18.12
CA GLU B 303 -18.58 -34.29 -19.45
C GLU B 303 -18.85 -32.80 -19.37
N PRO B 304 -18.68 -32.05 -20.46
CA PRO B 304 -18.96 -30.62 -20.46
C PRO B 304 -20.47 -30.44 -20.66
N PHE B 305 -21.21 -30.82 -19.61
CA PHE B 305 -22.67 -31.04 -19.73
C PHE B 305 -23.40 -29.76 -20.06
N TRP B 306 -22.87 -28.60 -19.68
CA TRP B 306 -23.47 -27.30 -20.01
C TRP B 306 -23.68 -27.13 -21.50
N ARG B 307 -22.80 -27.71 -22.31
CA ARG B 307 -22.91 -27.56 -23.78
C ARG B 307 -24.20 -28.18 -24.32
N LYS B 308 -24.73 -29.19 -23.63
CA LYS B 308 -26.00 -29.84 -24.05
C LYS B 308 -27.15 -28.86 -23.91
N LYS B 309 -27.08 -27.89 -23.03
CA LYS B 309 -28.08 -26.85 -22.81
C LYS B 309 -27.79 -25.61 -23.61
N ASP B 310 -26.87 -25.69 -24.57
CA ASP B 310 -26.49 -24.54 -25.38
C ASP B 310 -25.92 -23.42 -24.51
N TYR B 311 -25.14 -23.83 -23.51
CA TYR B 311 -24.31 -22.90 -22.71
C TYR B 311 -22.84 -23.21 -22.98
N CYS B 312 -22.02 -22.19 -23.14
CA CYS B 312 -20.58 -22.40 -23.38
C CYS B 312 -19.81 -22.62 -22.11
N GLY B 313 -20.36 -22.26 -20.95
CA GLY B 313 -19.63 -22.39 -19.69
C GLY B 313 -19.23 -21.04 -19.13
N THR B 314 -19.36 -19.98 -19.90
CA THR B 314 -19.12 -18.62 -19.37
C THR B 314 -20.32 -18.24 -18.52
N MET B 315 -20.09 -17.82 -17.32
CA MET B 315 -21.10 -17.29 -16.41
C MET B 315 -20.59 -15.96 -15.85
N ILE B 316 -21.49 -14.97 -15.86
CA ILE B 316 -21.25 -13.66 -15.22
C ILE B 316 -22.30 -13.55 -14.13
N ILE B 317 -21.86 -13.60 -12.89
CA ILE B 317 -22.79 -13.88 -11.75
C ILE B 317 -22.78 -12.67 -10.81
N ASP B 318 -23.88 -11.93 -10.81
CA ASP B 318 -23.97 -10.68 -10.03
C ASP B 318 -24.10 -11.02 -8.55
N GLY B 319 -23.66 -10.08 -7.73
CA GLY B 319 -24.16 -10.04 -6.33
C GLY B 319 -23.23 -10.61 -5.30
N GLU B 320 -23.45 -10.22 -4.06
CA GLU B 320 -22.54 -10.54 -2.94
C GLU B 320 -22.55 -12.01 -2.60
N GLU B 321 -23.68 -12.72 -2.70
CA GLU B 321 -23.77 -14.09 -2.17
C GLU B 321 -22.90 -15.08 -2.99
N ALA B 322 -22.79 -14.86 -4.30
CA ALA B 322 -22.06 -15.80 -5.17
C ALA B 322 -20.58 -15.81 -4.82
N PRO B 323 -19.97 -16.97 -4.59
CA PRO B 323 -18.54 -16.99 -4.26
C PRO B 323 -17.70 -16.60 -5.48
N VAL B 324 -18.18 -16.93 -6.65
CA VAL B 324 -17.49 -16.77 -7.95
C VAL B 324 -18.34 -15.86 -8.81
N ALA B 325 -17.79 -14.80 -9.34
CA ALA B 325 -18.51 -13.82 -10.17
C ALA B 325 -18.36 -14.12 -11.67
N TYR B 326 -17.39 -14.97 -12.01
CA TYR B 326 -17.06 -15.20 -13.43
C TYR B 326 -16.44 -16.56 -13.61
N THR B 327 -16.94 -17.26 -14.65
CA THR B 327 -16.39 -18.56 -15.03
C THR B 327 -16.12 -18.63 -16.51
N LEU B 328 -15.26 -19.56 -16.87
CA LEU B 328 -15.05 -20.00 -18.27
C LEU B 328 -15.01 -21.52 -18.30
N ASP B 329 -15.33 -22.03 -19.46
CA ASP B 329 -15.14 -23.46 -19.75
C ASP B 329 -13.63 -23.76 -19.75
N ASP B 330 -13.13 -24.70 -18.99
CA ASP B 330 -11.70 -25.05 -18.94
C ASP B 330 -11.49 -26.47 -19.51
N THR B 331 -12.46 -26.99 -20.25
CA THR B 331 -12.37 -28.29 -20.94
C THR B 331 -11.21 -28.27 -21.93
N LYS B 332 -10.51 -29.37 -22.02
CA LYS B 332 -9.39 -29.54 -22.97
C LYS B 332 -9.98 -29.47 -24.39
N PRO B 333 -9.08 -29.21 -25.37
CA PRO B 333 -9.51 -28.97 -26.73
C PRO B 333 -10.09 -30.26 -27.29
N GLU B 334 -9.68 -31.41 -26.75
CA GLU B 334 -10.08 -32.77 -27.16
C GLU B 334 -11.47 -33.07 -26.62
N GLY B 335 -12.00 -32.24 -25.71
CA GLY B 335 -13.40 -32.36 -25.24
C GLY B 335 -13.40 -33.11 -23.90
N ASN B 336 -12.24 -33.53 -23.44
CA ASN B 336 -12.09 -34.32 -22.21
C ASN B 336 -11.53 -33.40 -21.11
N TYR B 337 -11.48 -33.97 -19.96
CA TYR B 337 -11.20 -33.26 -18.70
C TYR B 337 -12.12 -32.06 -18.62
N ALA B 338 -13.41 -32.32 -18.81
CA ALA B 338 -14.42 -31.24 -18.73
C ALA B 338 -14.27 -30.52 -17.40
N ALA B 339 -14.36 -29.19 -17.43
CA ALA B 339 -14.09 -28.39 -16.24
C ALA B 339 -14.64 -27.00 -16.41
N ILE B 340 -14.99 -26.42 -15.25
CA ILE B 340 -15.36 -24.98 -15.12
C ILE B 340 -14.29 -24.28 -14.33
N MET B 341 -13.70 -23.22 -14.87
CA MET B 341 -12.79 -22.36 -14.10
C MET B 341 -13.57 -21.20 -13.54
N GLY B 342 -13.39 -20.93 -12.25
CA GLY B 342 -13.94 -19.70 -11.70
C GLY B 342 -12.92 -18.98 -10.83
N PHE B 343 -13.10 -17.69 -10.71
CA PHE B 343 -12.30 -16.87 -9.80
C PHE B 343 -13.11 -16.42 -8.59
N ILE B 344 -12.54 -16.56 -7.39
CA ILE B 344 -13.09 -15.98 -6.15
C ILE B 344 -12.29 -14.71 -5.96
N LEU B 345 -12.97 -13.57 -6.05
CA LEU B 345 -12.32 -12.25 -6.26
C LEU B 345 -12.27 -11.41 -4.98
N ALA B 346 -11.17 -10.69 -4.83
CA ALA B 346 -11.05 -9.53 -3.91
C ALA B 346 -11.54 -9.92 -2.53
N HIS B 347 -12.48 -9.22 -1.89
CA HIS B 347 -12.82 -9.53 -0.48
C HIS B 347 -13.33 -10.95 -0.35
N LYS B 348 -13.91 -11.54 -1.41
CA LYS B 348 -14.41 -12.93 -1.24
C LYS B 348 -13.25 -13.91 -1.15
N ALA B 349 -12.12 -13.61 -1.75
CA ALA B 349 -10.94 -14.46 -1.60
C ALA B 349 -10.53 -14.43 -0.12
N ARG B 350 -10.59 -13.27 0.50
CA ARG B 350 -10.16 -13.13 1.90
C ARG B 350 -11.19 -13.86 2.78
N LYS B 351 -12.48 -13.65 2.51
CA LYS B 351 -13.55 -14.25 3.32
C LYS B 351 -13.54 -15.77 3.20
N LEU B 352 -13.48 -16.33 2.00
CA LEU B 352 -13.75 -17.75 1.80
C LEU B 352 -12.48 -18.56 2.00
N ALA B 353 -11.34 -17.90 2.20
CA ALA B 353 -10.07 -18.62 2.47
C ALA B 353 -10.16 -19.35 3.83
N ARG B 354 -11.04 -18.93 4.71
CA ARG B 354 -11.23 -19.53 6.07
C ARG B 354 -11.88 -20.90 5.97
N LEU B 355 -12.56 -21.19 4.87
CA LEU B 355 -13.17 -22.51 4.62
C LEU B 355 -12.13 -23.56 4.26
N THR B 356 -12.55 -24.82 4.31
CA THR B 356 -11.73 -25.91 3.77
C THR B 356 -11.92 -25.96 2.25
N LYS B 357 -11.02 -26.68 1.61
CA LYS B 357 -11.06 -26.96 0.17
C LYS B 357 -12.40 -27.61 -0.18
N GLU B 358 -12.86 -28.55 0.64
CA GLU B 358 -14.11 -29.26 0.33
C GLU B 358 -15.30 -28.33 0.51
N GLU B 359 -15.28 -27.44 1.49
CA GLU B 359 -16.36 -26.47 1.67
C GLU B 359 -16.41 -25.52 0.47
N ARG B 360 -15.27 -25.06 -0.03
CA ARG B 360 -15.30 -24.18 -1.21
C ARG B 360 -15.84 -24.97 -2.41
N LEU B 361 -15.43 -26.22 -2.56
CA LEU B 361 -15.94 -27.05 -3.69
C LEU B 361 -17.46 -27.14 -3.60
N LYS B 362 -18.03 -27.42 -2.42
CA LYS B 362 -19.52 -27.53 -2.33
C LYS B 362 -20.18 -26.20 -2.71
N LYS B 363 -19.66 -25.06 -2.22
CA LYS B 363 -20.23 -23.74 -2.53
C LYS B 363 -20.20 -23.55 -4.05
N LEU B 364 -19.08 -23.87 -4.71
CA LEU B 364 -18.99 -23.62 -6.14
C LEU B 364 -19.93 -24.54 -6.86
N CYS B 365 -19.98 -25.82 -6.52
CA CYS B 365 -20.86 -26.73 -7.25
C CYS B 365 -22.34 -26.34 -7.09
N GLU B 366 -22.72 -25.89 -5.92
CA GLU B 366 -24.13 -25.46 -5.74
C GLU B 366 -24.41 -24.18 -6.49
N LEU B 367 -23.45 -23.27 -6.58
CA LEU B 367 -23.62 -22.06 -7.39
C LEU B 367 -23.79 -22.46 -8.85
N TYR B 368 -22.89 -23.29 -9.36
CA TYR B 368 -22.94 -23.68 -10.77
C TYR B 368 -24.22 -24.43 -11.09
N ALA B 369 -24.69 -25.23 -10.15
CA ALA B 369 -25.94 -25.98 -10.40
C ALA B 369 -27.09 -24.98 -10.58
N LYS B 370 -27.10 -23.92 -9.79
CA LYS B 370 -28.14 -22.91 -9.90
C LYS B 370 -28.01 -22.21 -11.23
N VAL B 371 -26.82 -21.72 -11.53
CA VAL B 371 -26.67 -20.84 -12.69
C VAL B 371 -26.80 -21.63 -14.01
N LEU B 372 -26.22 -22.83 -14.07
CA LEU B 372 -26.33 -23.70 -15.27
C LEU B 372 -27.68 -24.41 -15.27
N GLY B 373 -28.43 -24.38 -14.17
CA GLY B 373 -29.72 -25.08 -14.10
C GLY B 373 -29.54 -26.55 -14.30
N SER B 374 -28.55 -27.13 -13.65
CA SER B 374 -28.22 -28.53 -13.87
C SER B 374 -27.78 -29.19 -12.59
N LEU B 375 -28.35 -30.34 -12.24
CA LEU B 375 -27.91 -31.14 -11.09
C LEU B 375 -26.56 -31.79 -11.39
N GLU B 376 -26.18 -31.88 -12.67
CA GLU B 376 -24.86 -32.46 -13.00
C GLU B 376 -23.75 -31.66 -12.34
N ALA B 377 -23.96 -30.39 -12.09
CA ALA B 377 -22.92 -29.55 -11.46
C ALA B 377 -22.64 -29.98 -10.03
N LEU B 378 -23.53 -30.80 -9.44
CA LEU B 378 -23.35 -31.27 -8.06
C LEU B 378 -22.52 -32.54 -8.00
N GLU B 379 -22.00 -33.02 -9.14
CA GLU B 379 -21.28 -34.30 -9.20
C GLU B 379 -19.88 -34.09 -9.75
N PRO B 380 -19.07 -33.27 -9.06
CA PRO B 380 -17.70 -33.08 -9.51
C PRO B 380 -16.90 -34.39 -9.41
N VAL B 381 -15.96 -34.55 -10.33
CA VAL B 381 -15.05 -35.73 -10.30
C VAL B 381 -13.69 -35.35 -9.76
N HIS B 382 -13.38 -34.06 -9.67
CA HIS B 382 -12.05 -33.61 -9.20
C HIS B 382 -12.17 -32.10 -8.96
N TYR B 383 -11.22 -31.57 -8.21
CA TYR B 383 -11.15 -30.12 -7.89
C TYR B 383 -9.70 -29.73 -7.72
N GLU B 384 -9.31 -28.58 -8.27
CA GLU B 384 -7.99 -27.96 -8.02
C GLU B 384 -8.24 -26.50 -7.70
N GLU B 385 -7.44 -25.93 -6.85
CA GLU B 385 -7.58 -24.50 -6.55
C GLU B 385 -6.20 -23.97 -6.13
N LYS B 386 -6.05 -22.67 -6.25
CA LYS B 386 -4.86 -21.98 -5.75
C LYS B 386 -5.25 -20.60 -5.24
N ASN B 387 -4.92 -20.37 -3.98
CA ASN B 387 -5.07 -19.05 -3.35
C ASN B 387 -3.76 -18.29 -3.44
N TRP B 388 -3.70 -17.31 -4.35
CA TRP B 388 -2.46 -16.58 -4.59
C TRP B 388 -2.21 -15.56 -3.48
N CYS B 389 -3.15 -15.34 -2.58
CA CYS B 389 -2.90 -14.40 -1.48
C CYS B 389 -1.86 -14.99 -0.53
N GLU B 390 -1.68 -16.31 -0.52
CA GLU B 390 -0.76 -16.93 0.43
C GLU B 390 0.70 -16.89 -0.03
N GLU B 391 1.01 -16.40 -1.23
CA GLU B 391 2.36 -16.59 -1.80
C GLU B 391 3.33 -15.50 -1.36
N GLN B 392 4.31 -15.87 -0.56
CA GLN B 392 5.35 -14.93 -0.13
C GLN B 392 6.05 -14.28 -1.35
N TYR B 393 6.27 -15.02 -2.40
CA TYR B 393 7.10 -14.54 -3.53
C TYR B 393 6.23 -14.12 -4.72
N SER B 394 4.93 -13.92 -4.50
CA SER B 394 4.04 -13.19 -5.46
C SER B 394 3.44 -11.96 -4.79
N GLY B 395 2.88 -12.14 -3.62
CA GLY B 395 2.12 -11.09 -2.92
C GLY B 395 0.65 -11.09 -3.26
N GLY B 396 0.22 -11.78 -4.31
CA GLY B 396 -1.16 -11.83 -4.75
C GLY B 396 -1.22 -12.11 -6.23
N CYS B 397 -2.37 -11.95 -6.82
CA CYS B 397 -2.59 -12.04 -8.29
C CYS B 397 -3.81 -11.21 -8.61
N TYR B 398 -4.00 -10.86 -9.88
CA TYR B 398 -3.09 -11.14 -10.98
C TYR B 398 -1.88 -10.22 -10.97
N THR B 399 -2.06 -8.99 -10.48
CA THR B 399 -1.04 -7.94 -10.64
C THR B 399 -1.18 -6.92 -9.53
N THR B 400 -0.28 -5.98 -9.61
CA THR B 400 -0.21 -4.82 -8.70
C THR B 400 -1.26 -3.82 -9.05
N TYR B 401 -1.98 -3.34 -8.04
CA TYR B 401 -2.94 -2.26 -8.23
C TYR B 401 -2.42 -1.01 -7.52
N PHE B 402 -2.87 0.15 -7.98
CA PHE B 402 -2.45 1.46 -7.42
C PHE B 402 -3.63 2.06 -6.68
N PRO B 403 -3.51 2.21 -5.35
CA PRO B 403 -4.52 2.96 -4.58
C PRO B 403 -4.54 4.42 -5.00
N PRO B 404 -5.59 5.15 -4.58
CA PRO B 404 -5.70 6.57 -4.94
C PRO B 404 -4.45 7.35 -4.53
N GLY B 405 -4.01 8.21 -5.46
CA GLY B 405 -2.91 9.13 -5.25
C GLY B 405 -1.54 8.63 -5.62
N ILE B 406 -1.37 7.32 -5.84
CA ILE B 406 -0.02 6.71 -5.93
C ILE B 406 0.56 6.79 -7.33
N LEU B 407 -0.24 6.57 -8.36
CA LEU B 407 0.32 6.53 -9.74
C LEU B 407 0.87 7.89 -10.14
N THR B 408 0.17 8.97 -9.79
CA THR B 408 0.70 10.31 -10.15
C THR B 408 1.96 10.62 -9.37
N GLN B 409 2.04 10.23 -8.09
CA GLN B 409 3.18 10.63 -7.24
C GLN B 409 4.38 9.75 -7.49
N TYR B 410 4.17 8.47 -7.83
CA TYR B 410 5.24 7.46 -7.85
C TYR B 410 5.32 6.70 -9.15
N GLY B 411 4.40 6.87 -10.06
CA GLY B 411 4.40 6.01 -11.25
C GLY B 411 5.66 6.13 -12.10
N ARG B 412 6.20 7.31 -12.18
CA ARG B 412 7.40 7.53 -13.02
C ARG B 412 8.56 6.68 -12.52
N VAL B 413 8.56 6.28 -11.24
CA VAL B 413 9.75 5.59 -10.66
C VAL B 413 9.71 4.12 -11.08
N LEU B 414 8.58 3.55 -11.52
CA LEU B 414 8.53 2.07 -11.65
C LEU B 414 9.62 1.57 -12.58
N ARG B 415 9.85 2.18 -13.71
CA ARG B 415 10.84 1.57 -14.61
C ARG B 415 12.12 2.42 -14.65
N GLN B 416 12.28 3.36 -13.74
CA GLN B 416 13.51 4.17 -13.73
C GLN B 416 14.68 3.32 -13.23
N PRO B 417 15.80 3.18 -13.98
CA PRO B 417 16.92 2.42 -13.45
C PRO B 417 17.49 3.02 -12.16
N VAL B 418 18.00 2.18 -11.28
CA VAL B 418 18.72 2.57 -10.07
C VAL B 418 20.17 2.14 -10.25
N ASP B 419 21.00 3.06 -10.78
CA ASP B 419 22.43 2.79 -11.09
C ASP B 419 22.46 1.66 -12.11
N ARG B 420 22.81 0.46 -11.70
CA ARG B 420 22.97 -0.65 -12.68
C ARG B 420 21.86 -1.68 -12.50
N ILE B 421 20.78 -1.33 -11.78
CA ILE B 421 19.55 -2.16 -11.72
C ILE B 421 18.50 -1.61 -12.69
N TYR B 422 18.01 -2.47 -13.56
CA TYR B 422 16.95 -2.19 -14.54
C TYR B 422 15.74 -3.02 -14.12
N PHE B 423 14.58 -2.53 -14.46
CA PHE B 423 13.33 -3.10 -13.88
C PHE B 423 12.47 -3.67 -15.00
N ALA B 424 12.25 -4.97 -14.85
CA ALA B 424 11.35 -5.75 -15.72
C ALA B 424 10.09 -6.03 -14.90
N GLY B 425 9.41 -7.12 -15.22
CA GLY B 425 8.14 -7.45 -14.57
C GLY B 425 6.98 -6.84 -15.30
N THR B 426 5.84 -7.54 -15.30
CA THR B 426 4.70 -7.14 -16.10
C THR B 426 4.19 -5.74 -15.68
N GLU B 427 4.36 -5.38 -14.42
CA GLU B 427 3.92 -4.08 -13.90
C GLU B 427 4.57 -2.94 -14.66
N THR B 428 5.73 -3.16 -15.28
CA THR B 428 6.47 -2.09 -15.96
C THR B 428 6.12 -2.03 -17.44
N ALA B 429 5.26 -2.91 -17.96
CA ALA B 429 4.90 -2.90 -19.38
C ALA B 429 4.00 -1.74 -19.73
N THR B 430 3.92 -1.45 -21.01
CA THR B 430 3.02 -0.39 -21.51
C THR B 430 1.86 -0.92 -22.34
N HIS B 431 1.83 -2.23 -22.59
CA HIS B 431 0.73 -2.89 -23.32
C HIS B 431 0.53 -4.24 -22.64
N TRP B 432 -0.71 -4.51 -22.20
CA TRP B 432 -1.04 -5.70 -21.42
C TRP B 432 -0.15 -5.83 -20.19
N SER B 433 0.23 -4.72 -19.57
CA SER B 433 0.73 -4.77 -18.20
C SER B 433 -0.28 -5.52 -17.34
N GLY B 434 0.20 -6.42 -16.49
CA GLY B 434 -0.65 -7.26 -15.64
C GLY B 434 -0.75 -8.67 -16.19
N TYR B 435 -0.39 -8.87 -17.45
CA TYR B 435 -0.51 -10.12 -18.20
C TYR B 435 0.87 -10.72 -18.55
N MET B 436 0.80 -11.97 -19.00
CA MET B 436 1.99 -12.66 -19.51
C MET B 436 2.55 -11.84 -20.69
N GLU B 437 1.72 -11.26 -21.56
CA GLU B 437 2.20 -10.39 -22.65
C GLU B 437 3.08 -9.27 -22.05
N GLY B 438 2.58 -8.55 -21.05
CA GLY B 438 3.35 -7.44 -20.47
C GLY B 438 4.63 -7.94 -19.86
N ALA B 439 4.64 -9.12 -19.25
CA ALA B 439 5.87 -9.70 -18.70
C ALA B 439 6.94 -9.80 -19.82
N VAL B 440 6.55 -10.31 -20.98
CA VAL B 440 7.52 -10.45 -22.10
C VAL B 440 7.97 -9.05 -22.51
N GLU B 441 7.06 -8.14 -22.75
CA GLU B 441 7.43 -6.79 -23.20
C GLU B 441 8.47 -6.25 -22.22
N ALA B 442 8.22 -6.32 -20.93
CA ALA B 442 9.05 -5.63 -19.94
C ALA B 442 10.42 -6.29 -19.83
N GLY B 443 10.42 -7.63 -19.89
CA GLY B 443 11.68 -8.36 -19.73
C GLY B 443 12.60 -8.05 -20.92
N GLU B 444 12.05 -8.03 -22.09
CA GLU B 444 12.85 -7.81 -23.31
C GLU B 444 13.27 -6.35 -23.34
N ARG B 445 12.42 -5.42 -22.90
CA ARG B 445 12.82 -4.00 -22.90
C ARG B 445 13.92 -3.80 -21.85
N ALA B 446 13.84 -4.37 -20.65
CA ALA B 446 14.88 -4.17 -19.63
C ALA B 446 16.16 -4.78 -20.17
N ALA B 447 16.10 -5.95 -20.80
CA ALA B 447 17.32 -6.57 -21.35
C ALA B 447 17.97 -5.60 -22.37
N ARG B 448 17.18 -5.02 -23.24
CA ARG B 448 17.69 -4.10 -24.28
C ARG B 448 18.19 -2.81 -23.65
N GLU B 449 17.63 -2.38 -22.51
CA GLU B 449 18.23 -1.20 -21.85
C GLU B 449 19.68 -1.54 -21.49
N ILE B 450 19.94 -2.73 -21.01
CA ILE B 450 21.29 -3.16 -20.61
C ILE B 450 22.14 -3.28 -21.88
N LEU B 451 21.64 -3.86 -22.93
CA LEU B 451 22.45 -3.97 -24.20
C LEU B 451 22.80 -2.53 -24.62
N HIS B 452 21.91 -1.57 -24.48
CA HIS B 452 22.24 -0.16 -24.82
C HIS B 452 23.28 0.39 -23.83
N ALA B 453 23.18 0.13 -22.55
CA ALA B 453 24.16 0.65 -21.58
C ALA B 453 25.55 0.09 -21.94
N MET B 454 25.61 -1.12 -22.49
CA MET B 454 26.87 -1.78 -22.88
C MET B 454 27.36 -1.25 -24.24
N GLY B 455 26.60 -0.40 -24.89
CA GLY B 455 26.95 0.16 -26.21
C GLY B 455 26.76 -0.84 -27.33
N LYS B 456 25.99 -1.92 -27.12
CA LYS B 456 25.74 -2.99 -28.12
C LYS B 456 24.63 -2.62 -29.09
N ILE B 457 23.65 -1.85 -28.68
CA ILE B 457 22.57 -1.41 -29.58
C ILE B 457 22.31 0.06 -29.36
N PRO B 458 21.73 0.77 -30.35
CA PRO B 458 21.37 2.15 -30.16
C PRO B 458 20.12 2.38 -29.32
N GLU B 459 19.95 3.60 -28.82
CA GLU B 459 18.79 3.98 -27.99
C GLU B 459 17.47 3.57 -28.66
N ASP B 460 17.33 3.77 -29.96
CA ASP B 460 16.03 3.59 -30.66
C ASP B 460 15.68 2.11 -30.75
N GLU B 461 16.54 1.20 -30.31
CA GLU B 461 16.23 -0.25 -30.35
C GLU B 461 15.78 -0.73 -28.95
N ILE B 462 15.75 0.14 -27.96
CA ILE B 462 15.33 -0.27 -26.58
C ILE B 462 13.87 -0.74 -26.62
N TRP B 463 13.00 0.03 -27.24
CA TRP B 463 11.58 -0.30 -27.41
C TRP B 463 11.40 -0.80 -28.82
N GLN B 464 10.92 -2.00 -28.98
CA GLN B 464 10.81 -2.67 -30.29
C GLN B 464 9.34 -3.05 -30.50
N SER B 465 8.82 -2.75 -31.66
CA SER B 465 7.48 -3.20 -32.08
C SER B 465 7.49 -4.74 -32.25
N GLU B 466 6.31 -5.32 -32.31
CA GLU B 466 6.17 -6.78 -32.49
C GLU B 466 5.25 -7.05 -33.66
N PRO B 467 5.67 -7.85 -34.65
CA PRO B 467 4.77 -8.22 -35.74
C PRO B 467 3.54 -8.96 -35.17
N GLU B 468 2.43 -8.82 -35.86
CA GLU B 468 1.18 -9.48 -35.48
C GLU B 468 1.36 -10.98 -35.70
N SER B 469 0.94 -11.76 -34.71
CA SER B 469 0.85 -13.23 -34.81
C SER B 469 0.06 -13.62 -36.05
N VAL B 470 0.59 -14.60 -36.77
CA VAL B 470 -0.16 -15.17 -37.94
C VAL B 470 -1.24 -16.11 -37.44
N ASP B 471 -1.04 -16.73 -36.30
CA ASP B 471 -1.93 -17.74 -35.75
C ASP B 471 -3.13 -17.12 -35.03
N VAL B 472 -2.92 -15.96 -34.45
CA VAL B 472 -3.95 -15.30 -33.59
C VAL B 472 -4.11 -13.87 -34.05
N PRO B 473 -4.55 -13.64 -35.29
CA PRO B 473 -4.74 -12.29 -35.76
C PRO B 473 -5.85 -11.57 -34.97
N ALA B 474 -5.64 -10.28 -34.83
CA ALA B 474 -6.65 -9.40 -34.19
C ALA B 474 -7.65 -8.97 -35.24
N GLN B 475 -8.93 -8.96 -34.90
CA GLN B 475 -9.98 -8.29 -35.68
C GLN B 475 -10.26 -6.96 -34.98
N PRO B 476 -10.66 -5.95 -35.76
CA PRO B 476 -10.93 -4.63 -35.22
C PRO B 476 -12.03 -4.66 -34.16
N ILE B 477 -11.89 -3.76 -33.20
CA ILE B 477 -12.98 -3.43 -32.24
C ILE B 477 -13.92 -2.46 -32.96
N THR B 478 -15.18 -2.79 -33.00
CA THR B 478 -16.21 -1.95 -33.66
C THR B 478 -17.27 -1.51 -32.65
N THR B 479 -17.96 -0.42 -32.99
CA THR B 479 -19.13 0.07 -32.25
C THR B 479 -20.25 0.34 -33.26
N THR B 480 -21.48 0.34 -32.81
CA THR B 480 -22.62 0.79 -33.67
C THR B 480 -22.81 2.28 -33.53
N PHE B 481 -23.48 2.90 -34.51
CA PHE B 481 -23.93 4.30 -34.44
C PHE B 481 -24.68 4.59 -33.13
N LEU B 482 -25.58 3.70 -32.74
CA LEU B 482 -26.40 3.91 -31.52
C LEU B 482 -25.48 3.86 -30.29
N GLU B 483 -24.57 2.89 -30.23
CA GLU B 483 -23.60 2.82 -29.11
C GLU B 483 -22.83 4.13 -29.01
N ARG B 484 -22.43 4.73 -30.12
CA ARG B 484 -21.62 5.96 -30.09
C ARG B 484 -22.47 7.17 -29.68
N HIS B 485 -23.74 7.20 -30.06
CA HIS B 485 -24.48 8.49 -30.01
C HIS B 485 -25.64 8.49 -29.01
N LEU B 486 -26.07 7.35 -28.47
CA LEU B 486 -27.17 7.35 -27.49
C LEU B 486 -26.76 8.19 -26.30
N PRO B 487 -27.67 8.99 -25.74
CA PRO B 487 -27.34 9.79 -24.57
C PRO B 487 -27.11 8.93 -23.32
N SER B 488 -26.37 9.48 -22.37
CA SER B 488 -26.36 9.02 -20.97
C SER B 488 -27.72 9.27 -20.32
N VAL B 489 -27.94 8.77 -19.13
CA VAL B 489 -29.22 9.01 -18.38
C VAL B 489 -29.33 10.52 -18.11
N PRO B 490 -28.31 11.23 -17.58
CA PRO B 490 -28.42 12.69 -17.41
C PRO B 490 -28.57 13.43 -18.75
N GLY B 491 -27.98 12.90 -19.82
CA GLY B 491 -28.15 13.43 -21.19
C GLY B 491 -29.60 13.33 -21.66
N LEU B 492 -30.27 12.21 -21.39
CA LEU B 492 -31.69 12.01 -21.76
C LEU B 492 -32.54 13.00 -20.95
N LEU B 493 -32.16 13.29 -19.70
CA LEU B 493 -32.85 14.21 -18.76
C LEU B 493 -32.67 15.65 -19.23
N ARG B 494 -31.47 16.04 -19.64
CA ARG B 494 -31.19 17.43 -20.14
C ARG B 494 -32.07 17.72 -21.37
N LEU B 495 -32.39 16.69 -22.17
CA LEU B 495 -33.39 16.76 -23.27
C LEU B 495 -34.83 16.73 -22.72
N ILE B 496 -35.04 16.97 -21.42
CA ILE B 496 -36.37 16.99 -20.74
C ILE B 496 -36.33 17.99 -19.57
PA FAD C . 10.70 2.77 15.03
O1A FAD C . 11.11 3.95 15.77
O2A FAD C . 10.44 2.83 13.57
O5B FAD C . 11.71 1.58 15.37
C5B FAD C . 11.84 0.44 14.49
C4B FAD C . 13.32 0.12 14.57
O4B FAD C . 13.47 -1.13 13.85
C3B FAD C . 14.28 1.14 13.95
O3B FAD C . 15.32 1.50 14.84
C2B FAD C . 14.81 0.41 12.69
O2B FAD C . 16.10 0.80 12.29
C1B FAD C . 14.69 -1.05 13.11
N9A FAD C . 14.51 -1.98 11.99
C8A FAD C . 13.75 -1.85 10.86
N7A FAD C . 13.78 -2.96 10.08
C5A FAD C . 14.64 -3.83 10.75
C6A FAD C . 15.12 -5.10 10.45
N6A FAD C . 14.82 -5.81 9.37
N1A FAD C . 15.92 -5.63 11.36
C2A FAD C . 16.28 -4.97 12.46
N3A FAD C . 15.91 -3.73 12.84
C4A FAD C . 15.06 -3.22 11.92
N1 FAD C . 5.86 10.83 17.74
C2 FAD C . 5.64 11.56 18.88
O2 FAD C . 5.29 10.98 19.93
N3 FAD C . 5.83 12.91 18.93
C4 FAD C . 6.23 13.60 17.82
O4 FAD C . 6.49 14.81 17.91
C4X FAD C . 6.36 12.89 16.63
N5 FAD C . 6.61 13.50 15.41
C5X FAD C . 7.31 12.80 14.43
C6 FAD C . 8.04 13.52 13.48
C7 FAD C . 8.83 12.82 12.60
C7M FAD C . 9.52 13.61 11.52
C8 FAD C . 8.93 11.44 12.72
C8M FAD C . 9.86 10.55 11.90
C9 FAD C . 8.17 10.78 13.68
C9A FAD C . 7.37 11.42 14.57
N10 FAD C . 6.62 10.81 15.57
C10 FAD C . 6.25 11.53 16.65
C1' FAD C . 6.42 9.34 15.59
C2' FAD C . 7.41 8.57 16.46
O2' FAD C . 8.75 8.93 16.12
C3' FAD C . 7.15 7.07 16.26
O3' FAD C . 5.79 6.76 16.56
C4' FAD C . 7.97 6.16 17.16
O4' FAD C . 9.32 6.61 17.24
C5' FAD C . 7.89 4.77 16.58
O5' FAD C . 8.66 3.89 17.47
P FAD C . 8.69 2.31 17.11
O1P FAD C . 9.69 1.70 18.08
O2P FAD C . 7.36 1.73 16.98
O3P FAD C . 9.31 2.31 15.63
C1 C15 D . -23.53 16.11 0.97
C2 C15 D . -23.29 17.60 0.96
C3 C15 D . -22.35 17.95 -0.17
N1 C15 D . -21.88 19.38 -0.22
C1N C15 D . -21.27 19.77 1.09
C2N C15 D . -20.86 19.47 -1.29
C12 C15 D . -27.44 20.83 -2.68
C13 C15 D . -25.99 20.53 -2.99
C14 C15 D . -24.94 21.02 -1.98
C15 C15 D . -23.91 19.94 -1.66
C16 C15 D . -23.04 20.32 -0.47
S1 C15 D . -25.18 15.71 1.48
O1S C15 D . -25.22 14.27 1.48
O2S C15 D . -26.07 16.42 0.59
O3S C15 D . -25.23 16.35 2.90
SAJ A1IDI E . -7.24 22.84 12.21
C6 A1IDI E . -5.85 22.94 13.27
N1 A1IDI E . -5.87 24.03 14.03
C2 A1IDI E . -4.83 24.22 14.94
N3 A1IDI E . -3.81 23.26 15.08
C4 A1IDI E . -3.84 22.18 14.27
C5 A1IDI E . -4.89 21.99 13.42
NAQ A1IDI E . -4.66 20.82 12.80
NAR A1IDI E . -3.50 20.25 13.37
NAS A1IDI E . -3.02 21.11 14.26
CAT A1IDI E . -1.82 20.88 15.11
CAU A1IDI E . -1.18 19.58 14.88
CAZ A1IDI E . 0.22 19.57 14.80
CAY A1IDI E . 0.99 18.44 14.60
CAV A1IDI E . -1.81 18.31 14.75
CAW A1IDI E . -1.05 17.14 14.56
CAX A1IDI E . 0.34 17.20 14.49
CBA A1IDI E . 1.16 16.06 14.18
NBB A1IDI E . 2.13 15.76 15.14
CBF A1IDI E . 1.55 15.02 16.20
CBC A1IDI E . 3.40 15.59 14.75
CBD A1IDI E . 4.28 14.75 15.58
CBE A1IDI E . 5.47 14.32 14.88
PA FAD F . 6.14 -13.21 -11.65
O1A FAD F . 5.50 -14.28 -12.41
O2A FAD F . 5.60 -12.80 -10.33
O5B FAD F . 7.69 -13.63 -11.48
C5B FAD F . 8.54 -13.08 -10.46
C4B FAD F . 9.41 -14.21 -10.01
O4B FAD F . 10.27 -13.65 -9.04
C3B FAD F . 8.72 -15.36 -9.28
O3B FAD F . 9.08 -16.65 -9.88
C2B FAD F . 9.15 -15.28 -7.82
O2B FAD F . 9.23 -16.51 -7.15
C1B FAD F . 10.49 -14.58 -8.00
N9A FAD F . 10.95 -13.83 -6.83
C8A FAD F . 10.26 -12.97 -5.98
N7A FAD F . 11.00 -12.40 -5.08
C5A FAD F . 12.28 -12.91 -5.31
C6A FAD F . 13.49 -12.67 -4.69
N6A FAD F . 13.66 -11.89 -3.64
N1A FAD F . 14.56 -13.35 -5.19
C2A FAD F . 14.45 -14.16 -6.25
N3A FAD F . 13.33 -14.43 -6.88
C4A FAD F . 12.23 -13.78 -6.42
N1 FAD F . -2.03 -13.22 -17.11
C2 FAD F . -2.41 -13.50 -18.36
O2 FAD F . -1.72 -13.15 -19.34
N3 FAD F . -3.48 -14.32 -18.55
C4 FAD F . -4.26 -14.74 -17.50
O4 FAD F . -5.20 -15.55 -17.76
C4X FAD F . -3.93 -14.31 -16.26
N5 FAD F . -4.71 -14.61 -15.15
C5X FAD F . -4.12 -14.76 -13.94
C6 FAD F . -4.70 -15.51 -12.90
C7 FAD F . -4.04 -15.72 -11.74
C7M FAD F . -4.77 -16.51 -10.69
C8 FAD F . -2.73 -15.24 -11.55
C8M FAD F . -1.91 -15.55 -10.32
C9 FAD F . -2.19 -14.50 -12.59
C9A FAD F . -2.83 -14.22 -13.80
N10 FAD F . -2.31 -13.42 -14.82
C10 FAD F . -2.76 -13.66 -16.04
C1' FAD F . -1.04 -12.66 -14.57
C2' FAD F . 0.22 -13.27 -15.09
O2' FAD F . 0.35 -14.55 -14.42
C3' FAD F . 1.32 -12.34 -14.68
O3' FAD F . 1.18 -11.04 -15.29
C4' FAD F . 2.74 -12.78 -15.08
O4' FAD F . 2.90 -14.18 -14.84
C5' FAD F . 3.75 -11.98 -14.29
O5' FAD F . 5.10 -12.36 -14.75
P FAD F . 6.35 -11.64 -14.14
O1P FAD F . 7.55 -12.41 -14.62
O2P FAD F . 6.31 -10.18 -14.29
O3P FAD F . 6.21 -11.89 -12.55
C1 C15 G . -23.54 12.65 -10.41
C2 C15 G . -24.84 11.91 -10.35
C3 C15 G . -24.91 11.09 -9.09
N1 C15 G . -25.86 9.92 -9.10
C1N C15 G . -25.51 8.96 -10.20
C2N C15 G . -25.71 9.22 -7.80
C16 C15 G . -27.30 10.37 -9.31
S1 C15 G . -23.71 14.31 -11.01
O1S C15 G . -22.52 14.99 -10.58
O2S C15 G . -24.96 14.82 -10.53
O3S C15 G . -23.77 14.15 -12.56
SAJ A1IDI H . -19.22 -6.49 -17.72
C6 A1IDI H . -18.53 -7.85 -18.44
N1 A1IDI H . -19.24 -8.43 -19.42
C2 A1IDI H . -18.67 -9.58 -20.06
N3 A1IDI H . -17.38 -10.04 -19.72
C4 A1IDI H . -16.78 -9.34 -18.72
C5 A1IDI H . -17.31 -8.29 -18.11
NAQ A1IDI H . -16.38 -7.85 -17.22
NAR A1IDI H . -15.31 -8.57 -17.33
NAS A1IDI H . -15.55 -9.52 -18.25
CAT A1IDI H . -14.64 -10.59 -18.73
CAU A1IDI H . -13.31 -10.58 -18.07
CAZ A1IDI H . -12.77 -11.80 -17.65
CAY A1IDI H . -11.53 -11.91 -17.05
CAV A1IDI H . -12.47 -9.49 -17.86
CAW A1IDI H . -11.21 -9.59 -17.25
CAX A1IDI H . -10.74 -10.82 -16.81
CBA A1IDI H . -9.49 -10.92 -16.10
NBB A1IDI H . -8.53 -11.77 -16.62
CBF A1IDI H . -7.91 -11.16 -17.78
CBC A1IDI H . -7.99 -12.69 -15.80
CBD A1IDI H . -6.69 -13.24 -16.18
CBE A1IDI H . -6.07 -13.93 -15.15
C1 A1IDI H . -19.73 -5.55 -19.08
N2 A1IDI H . -21.02 -5.37 -19.35
C7 A1IDI H . -21.08 -4.58 -20.42
C8 A1IDI H . -19.84 -4.25 -20.82
O1 A1IDI H . -18.93 -4.87 -19.97
C10 A1IDI H . -19.64 -3.46 -21.89
C11 A1IDI H . -20.72 -2.94 -22.62
C12 A1IDI H . -21.99 -3.28 -22.22
C13 A1IDI H . -22.14 -4.10 -21.10
#